data_3VUP
#
_entry.id   3VUP
#
_cell.length_a   110.092
_cell.length_b   114.098
_cell.length_c   51.138
_cell.angle_alpha   90.00
_cell.angle_beta   90.00
_cell.angle_gamma   90.00
#
_symmetry.space_group_name_H-M   'P 21 21 2'
#
loop_
_entity.id
_entity.type
_entity.pdbx_description
1 polymer Beta-1,4-mannanase
2 non-polymer 2-AMINO-2-HYDROXYMETHYL-PROPANE-1,3-DIOL
3 non-polymer 'SULFATE ION'
4 water water
#
_entity_poly.entity_id   1
_entity_poly.type   'polypeptide(L)'
_entity_poly.pdbx_seq_one_letter_code
;RLHIQNGHFVLNGQRVFLSGGNLPWMSYAYDFGDGQWQRNKNRIEPEFKKLHDAGGNSMRLWIHIQGETTPAFNDQGFVT
GPDKQGTMLDDMKDLLDTAKKYNILVFPCLWNAAVNQDSHNRLDGLIKDQHKLQSYIDKALKPIVNHVKGHVALGGWDLM
NEPEGMMIPDKHNAEKCYDTTALKNSGAGWAGNKYLYQDILRFLNWQADAIKTTDPGALVTMGVWNPKSNTDHFNMNNHY
SDHCLRLAGGKQKGVFDFYQFHSYSWQGKWDEVAPFTHQASDYGLHKPIVVGEFWEQDGGGMTITQMFNYVYNHGYAGAW
SWHLVQRGDNQRKGITNIKDKTSNGKIPISL
;
_entity_poly.pdbx_strand_id   A,B
#
# COMPACT_ATOMS: atom_id res chain seq x y z
N ARG A 1 0.71 -21.15 -28.51
CA ARG A 1 0.89 -20.32 -27.31
C ARG A 1 1.79 -19.12 -27.63
N LEU A 2 1.76 -18.12 -26.77
CA LEU A 2 2.55 -16.90 -26.97
C LEU A 2 4.03 -17.23 -26.92
N HIS A 3 4.79 -16.64 -27.83
CA HIS A 3 6.23 -16.81 -27.83
C HIS A 3 6.88 -15.55 -28.40
N ILE A 4 8.20 -15.54 -28.43
CA ILE A 4 8.95 -14.41 -28.94
C ILE A 4 9.82 -14.92 -30.09
N GLN A 5 9.66 -14.31 -31.25
CA GLN A 5 10.36 -14.74 -32.45
C GLN A 5 10.99 -13.49 -33.05
N ASN A 6 12.28 -13.56 -33.34
CA ASN A 6 13.00 -12.42 -33.88
C ASN A 6 12.83 -11.15 -33.05
N GLY A 7 12.73 -11.31 -31.73
CA GLY A 7 12.67 -10.18 -30.83
C GLY A 7 11.29 -9.57 -30.60
N HIS A 8 10.25 -10.21 -31.10
CA HIS A 8 8.90 -9.69 -30.89
CA HIS A 8 8.88 -9.70 -30.99
C HIS A 8 7.91 -10.78 -30.53
N PHE A 9 6.86 -10.40 -29.81
CA PHE A 9 5.79 -11.33 -29.48
C PHE A 9 5.10 -11.81 -30.75
N VAL A 10 4.85 -13.12 -30.79
CA VAL A 10 4.11 -13.75 -31.86
C VAL A 10 3.09 -14.70 -31.25
N LEU A 11 1.88 -14.70 -31.80
CA LEU A 11 0.85 -15.65 -31.41
C LEU A 11 0.16 -16.11 -32.68
N ASN A 12 0.04 -17.42 -32.86
CA ASN A 12 -0.69 -17.97 -34.01
C ASN A 12 -0.22 -17.40 -35.34
N GLY A 13 1.10 -17.32 -35.49
CA GLY A 13 1.72 -16.96 -36.74
C GLY A 13 1.73 -15.48 -37.06
N GLN A 14 1.32 -14.66 -36.10
CA GLN A 14 1.26 -13.22 -36.32
C GLN A 14 1.92 -12.47 -35.18
N ARG A 15 2.68 -11.43 -35.52
CA ARG A 15 3.16 -10.51 -34.51
C ARG A 15 1.97 -9.93 -33.78
N VAL A 16 2.04 -9.92 -32.45
CA VAL A 16 0.92 -9.47 -31.63
C VAL A 16 1.37 -8.36 -30.69
N PHE A 17 0.53 -7.35 -30.52
CA PHE A 17 0.71 -6.32 -29.52
C PHE A 17 -0.20 -6.66 -28.35
N LEU A 18 0.34 -6.64 -27.13
CA LEU A 18 -0.44 -7.02 -25.96
C LEU A 18 -1.16 -5.79 -25.40
N SER A 19 -2.48 -5.77 -25.54
CA SER A 19 -3.28 -4.62 -25.15
C SER A 19 -4.32 -5.02 -24.12
N GLY A 20 -4.36 -4.34 -22.98
CA GLY A 20 -5.36 -4.68 -22.00
C GLY A 20 -5.13 -3.93 -20.72
N GLY A 21 -5.22 -4.63 -19.60
CA GLY A 21 -5.09 -3.96 -18.34
C GLY A 21 -4.80 -4.90 -17.18
N ASN A 22 -4.61 -4.28 -16.03
CA ASN A 22 -4.47 -4.95 -14.75
C ASN A 22 -5.82 -5.03 -14.08
N LEU A 23 -6.27 -6.23 -13.74
CA LEU A 23 -7.55 -6.40 -13.06
C LEU A 23 -7.77 -5.41 -11.90
N PRO A 24 -6.85 -5.35 -10.91
CA PRO A 24 -5.63 -6.14 -10.70
C PRO A 24 -5.87 -7.32 -9.75
N TRP A 25 -7.04 -7.32 -9.13
CA TRP A 25 -7.49 -8.34 -8.19
C TRP A 25 -8.98 -8.10 -8.04
N MET A 26 -9.67 -9.02 -7.39
CA MET A 26 -11.05 -8.79 -6.99
C MET A 26 -11.09 -8.55 -5.48
N SER A 27 -10.71 -9.59 -4.72
CA SER A 27 -10.43 -9.45 -3.30
C SER A 27 -8.91 -9.56 -3.14
N TYR A 28 -8.28 -8.43 -2.83
CA TYR A 28 -6.81 -8.33 -2.75
C TYR A 28 -6.20 -9.49 -1.97
N ALA A 29 -5.38 -10.29 -2.65
CA ALA A 29 -4.64 -11.42 -2.06
C ALA A 29 -5.52 -12.57 -1.59
N TYR A 30 -6.81 -12.48 -1.92
CA TYR A 30 -7.84 -13.42 -1.48
C TYR A 30 -8.66 -13.94 -2.65
N ASP A 31 -8.02 -14.08 -3.81
CA ASP A 31 -8.72 -14.47 -5.04
C ASP A 31 -8.52 -15.93 -5.43
N PHE A 32 -7.42 -16.53 -4.96
CA PHE A 32 -7.00 -17.86 -5.40
C PHE A 32 -6.66 -18.75 -4.22
N GLY A 33 -7.01 -20.03 -4.34
CA GLY A 33 -6.69 -20.99 -3.30
C GLY A 33 -7.71 -20.95 -2.19
N ASP A 34 -7.76 -22.00 -1.38
CA ASP A 34 -8.68 -22.10 -0.24
C ASP A 34 -10.12 -21.71 -0.60
N GLY A 35 -10.56 -22.15 -1.78
CA GLY A 35 -11.93 -21.94 -2.22
C GLY A 35 -12.25 -20.54 -2.70
N GLN A 36 -11.25 -19.67 -2.77
CA GLN A 36 -11.50 -18.25 -3.01
C GLN A 36 -11.82 -17.92 -4.46
N TRP A 37 -11.28 -18.69 -5.40
CA TRP A 37 -11.53 -18.42 -6.80
C TRP A 37 -12.99 -18.65 -7.15
N GLN A 38 -13.55 -19.78 -6.74
CA GLN A 38 -14.96 -20.02 -7.05
C GLN A 38 -15.86 -18.98 -6.40
N ARG A 39 -15.46 -18.45 -5.24
CA ARG A 39 -16.23 -17.42 -4.58
CA ARG A 39 -16.21 -17.40 -4.56
C ARG A 39 -16.17 -16.08 -5.32
N ASN A 40 -15.05 -15.79 -5.96
CA ASN A 40 -14.86 -14.52 -6.67
C ASN A 40 -15.11 -14.58 -8.17
N LYS A 41 -15.28 -15.78 -8.71
CA LYS A 41 -15.39 -15.97 -10.16
C LYS A 41 -16.55 -15.19 -10.79
N ASN A 42 -17.67 -15.11 -10.08
CA ASN A 42 -18.83 -14.40 -10.62
C ASN A 42 -18.59 -12.89 -10.80
N ARG A 43 -17.58 -12.36 -10.12
CA ARG A 43 -17.18 -10.97 -10.32
C ARG A 43 -15.97 -10.81 -11.26
N ILE A 44 -15.10 -11.82 -11.28
CA ILE A 44 -13.92 -11.76 -12.14
C ILE A 44 -14.27 -12.08 -13.59
N GLU A 45 -15.09 -13.08 -13.81
CA GLU A 45 -15.45 -13.43 -15.19
C GLU A 45 -16.02 -12.25 -16.01
N PRO A 46 -16.95 -11.45 -15.41
CA PRO A 46 -17.43 -10.29 -16.17
C PRO A 46 -16.33 -9.30 -16.54
N GLU A 47 -15.25 -9.23 -15.76
CA GLU A 47 -14.16 -8.35 -16.13
C GLU A 47 -13.43 -8.87 -17.36
N PHE A 48 -13.30 -10.18 -17.49
CA PHE A 48 -12.76 -10.75 -18.72
C PHE A 48 -13.66 -10.44 -19.91
N LYS A 49 -14.97 -10.58 -19.73
CA LYS A 49 -15.90 -10.31 -20.81
C LYS A 49 -15.82 -8.85 -21.25
N LYS A 50 -15.86 -7.93 -20.30
CA LYS A 50 -15.80 -6.51 -20.62
C LYS A 50 -14.50 -6.16 -21.34
N LEU A 51 -13.40 -6.74 -20.89
CA LEU A 51 -12.12 -6.49 -21.53
C LEU A 51 -12.08 -7.00 -22.96
N HIS A 52 -12.56 -8.21 -23.17
CA HIS A 52 -12.64 -8.77 -24.51
C HIS A 52 -13.54 -7.94 -25.42
N ASP A 53 -14.71 -7.59 -24.91
CA ASP A 53 -15.68 -6.82 -25.70
C ASP A 53 -15.10 -5.46 -26.12
N ALA A 54 -14.22 -4.90 -25.29
CA ALA A 54 -13.58 -3.63 -25.60
C ALA A 54 -12.42 -3.79 -26.59
N GLY A 55 -12.02 -5.02 -26.88
CA GLY A 55 -10.92 -5.24 -27.80
C GLY A 55 -9.57 -5.53 -27.17
N GLY A 56 -9.55 -5.80 -25.87
CA GLY A 56 -8.31 -6.17 -25.21
C GLY A 56 -7.99 -7.63 -25.47
N ASN A 57 -6.71 -7.97 -25.33
CA ASN A 57 -6.25 -9.35 -25.46
C ASN A 57 -5.43 -9.83 -24.27
N SER A 58 -5.26 -9.00 -23.23
CA SER A 58 -4.44 -9.43 -22.12
CA SER A 58 -4.29 -9.25 -22.14
C SER A 58 -4.84 -8.81 -20.80
N MET A 59 -4.70 -9.64 -19.77
CA MET A 59 -4.99 -9.20 -18.41
CA MET A 59 -5.06 -9.27 -18.39
C MET A 59 -3.91 -9.64 -17.44
N ARG A 60 -3.41 -8.67 -16.67
CA ARG A 60 -2.49 -8.93 -15.58
C ARG A 60 -3.32 -8.94 -14.31
N LEU A 61 -3.08 -9.93 -13.44
CA LEU A 61 -3.79 -9.99 -12.16
C LEU A 61 -2.87 -10.65 -11.13
N TRP A 62 -3.09 -10.32 -9.87
CA TRP A 62 -2.14 -10.64 -8.84
C TRP A 62 -2.60 -11.82 -8.00
N ILE A 63 -1.64 -12.69 -7.66
CA ILE A 63 -1.93 -13.98 -7.06
C ILE A 63 -1.56 -14.03 -5.57
N HIS A 64 -0.31 -14.33 -5.23
CA HIS A 64 0.05 -14.48 -3.82
C HIS A 64 0.13 -13.14 -3.10
N ILE A 65 0.69 -12.14 -3.79
CA ILE A 65 0.90 -10.79 -3.29
C ILE A 65 1.99 -10.81 -2.21
N GLN A 66 1.61 -10.87 -0.92
CA GLN A 66 2.62 -11.05 0.12
C GLN A 66 2.35 -12.27 0.99
N GLY A 67 1.65 -13.25 0.42
CA GLY A 67 1.42 -14.52 1.10
C GLY A 67 0.27 -14.51 2.08
N GLU A 68 -0.68 -13.60 1.88
CA GLU A 68 -1.84 -13.50 2.75
C GLU A 68 -2.63 -14.80 2.83
N THR A 69 -2.83 -15.46 1.68
CA THR A 69 -3.57 -16.72 1.65
C THR A 69 -2.91 -17.83 0.85
N THR A 70 -2.16 -17.49 -0.19
CA THR A 70 -1.33 -18.47 -0.88
C THR A 70 0.08 -17.92 -1.06
N PRO A 71 1.08 -18.79 -1.16
CA PRO A 71 1.01 -20.23 -0.90
C PRO A 71 0.78 -20.46 0.60
N ALA A 72 0.66 -21.72 1.01
CA ALA A 72 0.50 -22.04 2.43
C ALA A 72 1.87 -22.10 3.10
N PHE A 73 1.99 -21.43 4.24
CA PHE A 73 3.23 -21.41 5.01
C PHE A 73 3.02 -22.09 6.35
N ASN A 74 4.05 -22.78 6.85
CA ASN A 74 4.00 -23.22 8.24
C ASN A 74 4.46 -22.08 9.16
N ASP A 75 4.41 -22.32 10.46
CA ASP A 75 4.73 -21.27 11.42
C ASP A 75 6.18 -20.82 11.38
N GLN A 76 7.03 -21.62 10.74
CA GLN A 76 8.44 -21.27 10.61
C GLN A 76 8.74 -20.51 9.32
N GLY A 77 7.75 -20.38 8.46
CA GLY A 77 7.92 -19.63 7.23
C GLY A 77 8.33 -20.46 6.02
N PHE A 78 8.30 -21.78 6.15
CA PHE A 78 8.51 -22.65 5.00
C PHE A 78 7.18 -22.92 4.34
N VAL A 79 7.21 -23.09 3.02
CA VAL A 79 5.99 -23.35 2.27
C VAL A 79 5.62 -24.83 2.30
N THR A 80 4.35 -25.13 2.57
CA THR A 80 3.87 -26.50 2.65
C THR A 80 3.16 -26.98 1.40
N GLY A 81 2.64 -26.04 0.61
CA GLY A 81 1.87 -26.39 -0.58
C GLY A 81 1.29 -25.14 -1.20
N PRO A 82 0.57 -25.30 -2.32
CA PRO A 82 0.01 -24.15 -3.02
C PRO A 82 -1.07 -23.41 -2.22
N ASP A 83 -1.76 -24.16 -1.38
CA ASP A 83 -2.75 -23.62 -0.46
C ASP A 83 -3.00 -24.69 0.62
N LYS A 84 -4.03 -24.50 1.44
CA LYS A 84 -4.39 -25.49 2.45
C LYS A 84 -5.55 -26.39 2.02
N GLN A 85 -6.56 -25.80 1.40
CA GLN A 85 -7.79 -26.54 1.14
C GLN A 85 -7.78 -27.32 -0.17
N GLY A 86 -6.71 -27.22 -0.93
CA GLY A 86 -6.56 -28.05 -2.12
C GLY A 86 -7.38 -27.58 -3.31
N THR A 87 -7.62 -26.27 -3.42
CA THR A 87 -8.31 -25.75 -4.61
C THR A 87 -7.38 -25.01 -5.57
N MET A 88 -6.21 -24.61 -5.10
CA MET A 88 -5.33 -23.72 -5.85
C MET A 88 -5.01 -24.19 -7.27
N LEU A 89 -4.67 -25.47 -7.43
CA LEU A 89 -4.33 -25.96 -8.75
C LEU A 89 -5.54 -25.87 -9.68
N ASP A 90 -6.68 -26.37 -9.22
CA ASP A 90 -7.93 -26.24 -9.97
C ASP A 90 -8.26 -24.78 -10.28
N ASP A 91 -8.02 -23.90 -9.30
CA ASP A 91 -8.34 -22.49 -9.46
C ASP A 91 -7.52 -21.87 -10.58
N MET A 92 -6.23 -22.17 -10.61
CA MET A 92 -5.36 -21.59 -11.63
C MET A 92 -5.74 -22.11 -13.02
N LYS A 93 -6.07 -23.40 -13.12
CA LYS A 93 -6.52 -23.94 -14.40
C LYS A 93 -7.84 -23.31 -14.83
N ASP A 94 -8.78 -23.17 -13.90
CA ASP A 94 -10.06 -22.59 -14.23
C ASP A 94 -9.96 -21.12 -14.62
N LEU A 95 -9.06 -20.39 -13.97
CA LEU A 95 -8.77 -19.02 -14.38
C LEU A 95 -8.40 -18.99 -15.85
N LEU A 96 -7.48 -19.86 -16.24
CA LEU A 96 -7.00 -19.88 -17.62
C LEU A 96 -8.07 -20.39 -18.60
N ASP A 97 -8.85 -21.39 -18.18
CA ASP A 97 -9.95 -21.86 -19.02
C ASP A 97 -10.98 -20.74 -19.24
N THR A 98 -11.22 -19.96 -18.19
CA THR A 98 -12.16 -18.85 -18.27
C THR A 98 -11.64 -17.78 -19.22
N ALA A 99 -10.36 -17.45 -19.09
CA ALA A 99 -9.74 -16.47 -19.97
C ALA A 99 -9.80 -16.91 -21.43
N LYS A 100 -9.57 -18.20 -21.66
CA LYS A 100 -9.59 -18.74 -23.02
C LYS A 100 -10.94 -18.46 -23.68
N LYS A 101 -12.02 -18.58 -22.91
CA LYS A 101 -13.38 -18.35 -23.42
C LYS A 101 -13.53 -16.96 -24.02
N TYR A 102 -12.78 -16.02 -23.47
CA TYR A 102 -12.86 -14.62 -23.87
C TYR A 102 -11.65 -14.16 -24.69
N ASN A 103 -10.85 -15.11 -25.16
CA ASN A 103 -9.68 -14.76 -25.95
C ASN A 103 -8.77 -13.74 -25.26
N ILE A 104 -8.50 -14.00 -23.98
CA ILE A 104 -7.62 -13.17 -23.19
C ILE A 104 -6.42 -13.97 -22.70
N LEU A 105 -5.24 -13.44 -22.99
CA LEU A 105 -3.99 -13.95 -22.44
C LEU A 105 -3.79 -13.42 -21.02
N VAL A 106 -3.46 -14.34 -20.11
CA VAL A 106 -3.36 -14.03 -18.69
C VAL A 106 -1.90 -13.92 -18.26
N PHE A 107 -1.61 -12.90 -17.47
CA PHE A 107 -0.29 -12.67 -16.90
C PHE A 107 -0.42 -12.63 -15.38
N PRO A 108 -0.35 -13.80 -14.72
CA PRO A 108 -0.43 -13.82 -13.26
C PRO A 108 0.83 -13.20 -12.68
N CYS A 109 0.66 -12.34 -11.68
CA CYS A 109 1.76 -11.72 -10.98
C CYS A 109 1.85 -12.34 -9.60
N LEU A 110 2.96 -13.03 -9.33
CA LEU A 110 3.05 -13.86 -8.12
C LEU A 110 3.15 -13.04 -6.83
N TRP A 111 4.10 -12.11 -6.77
CA TRP A 111 4.45 -11.42 -5.54
C TRP A 111 4.37 -9.91 -5.71
N ASN A 112 4.40 -9.19 -4.58
CA ASN A 112 4.31 -7.74 -4.58
C ASN A 112 5.27 -7.15 -3.54
N ALA A 113 6.00 -6.12 -3.94
CA ALA A 113 6.85 -5.36 -3.02
C ALA A 113 6.52 -3.86 -3.00
N ALA A 114 5.36 -3.47 -3.54
CA ALA A 114 4.99 -2.04 -3.57
C ALA A 114 4.39 -1.54 -2.25
N VAL A 115 4.09 -2.46 -1.35
CA VAL A 115 3.66 -2.13 0.01
C VAL A 115 4.48 -3.00 0.95
N ASN A 116 4.49 -2.63 2.22
CA ASN A 116 5.24 -3.34 3.24
C ASN A 116 4.24 -3.84 4.28
N GLN A 117 3.55 -4.92 3.94
N GLN A 117 3.51 -4.88 3.93
CA GLN A 117 2.46 -5.49 4.76
CA GLN A 117 2.52 -5.44 4.82
C GLN A 117 2.66 -6.98 5.04
C GLN A 117 3.05 -6.76 5.37
N ASP A 118 3.85 -7.47 4.74
N ASP A 118 3.03 -7.80 4.55
CA ASP A 118 4.16 -8.90 4.79
CA ASP A 118 3.80 -9.04 4.81
C ASP A 118 3.90 -9.54 6.18
C ASP A 118 3.70 -9.51 6.26
N SER A 119 2.65 -9.81 6.52
N SER A 119 2.68 -10.30 6.56
CA SER A 119 2.33 -10.47 7.80
CA SER A 119 2.49 -10.79 7.93
C SER A 119 3.15 -11.74 7.99
C SER A 119 3.46 -11.93 8.23
N HIS A 120 3.68 -11.91 9.20
N HIS A 120 4.03 -11.89 9.42
CA HIS A 120 4.52 -13.05 9.56
CA HIS A 120 5.01 -12.87 9.88
C HIS A 120 5.82 -13.18 8.74
C HIS A 120 6.18 -13.07 8.91
N ASN A 121 6.20 -12.10 8.06
N ASN A 121 6.48 -12.03 8.15
CA ASN A 121 7.46 -12.02 7.33
CA ASN A 121 7.65 -12.01 7.26
C ASN A 121 7.65 -13.19 6.37
C ASN A 121 7.71 -13.20 6.29
N ARG A 122 6.55 -13.58 5.76
CA ARG A 122 6.51 -14.75 4.90
C ARG A 122 7.23 -14.50 3.56
N LEU A 123 6.94 -13.36 2.94
CA LEU A 123 7.67 -12.99 1.72
C LEU A 123 9.13 -12.71 2.06
N ASP A 124 9.36 -12.00 3.16
CA ASP A 124 10.69 -11.66 3.60
C ASP A 124 11.60 -12.90 3.70
N GLY A 125 11.07 -13.98 4.26
CA GLY A 125 11.83 -15.21 4.40
C GLY A 125 12.19 -15.86 3.08
N LEU A 126 11.31 -15.76 2.09
CA LEU A 126 11.61 -16.31 0.78
C LEU A 126 12.72 -15.52 0.09
N ILE A 127 12.77 -14.22 0.34
CA ILE A 127 13.79 -13.37 -0.26
C ILE A 127 15.15 -13.58 0.42
N LYS A 128 15.14 -13.73 1.74
CA LYS A 128 16.38 -13.78 2.48
C LYS A 128 16.97 -15.18 2.70
N ASP A 129 16.10 -16.20 2.76
CA ASP A 129 16.49 -17.55 3.17
C ASP A 129 16.35 -18.52 2.01
N GLN A 130 17.48 -19.06 1.54
CA GLN A 130 17.49 -19.95 0.39
C GLN A 130 16.68 -21.22 0.60
N HIS A 131 16.68 -21.73 1.83
CA HIS A 131 15.92 -22.95 2.11
C HIS A 131 14.43 -22.70 2.05
N LYS A 132 14.00 -21.55 2.56
CA LYS A 132 12.59 -21.19 2.47
C LYS A 132 12.16 -21.00 1.02
N LEU A 133 12.99 -20.29 0.24
CA LEU A 133 12.70 -20.11 -1.17
C LEU A 133 12.59 -21.46 -1.89
N GLN A 134 13.50 -22.39 -1.61
CA GLN A 134 13.43 -23.69 -2.26
C GLN A 134 12.13 -24.42 -1.92
N SER A 135 11.63 -24.26 -0.69
CA SER A 135 10.35 -24.87 -0.33
C SER A 135 9.19 -24.26 -1.12
N TYR A 136 9.22 -22.95 -1.36
CA TYR A 136 8.20 -22.35 -2.22
C TYR A 136 8.25 -22.96 -3.62
N ILE A 137 9.46 -23.06 -4.15
CA ILE A 137 9.65 -23.57 -5.50
C ILE A 137 9.16 -25.01 -5.62
N ASP A 138 9.56 -25.85 -4.67
CA ASP A 138 9.26 -27.27 -4.76
C ASP A 138 7.82 -27.61 -4.37
N LYS A 139 7.29 -26.94 -3.35
CA LYS A 139 5.98 -27.29 -2.82
C LYS A 139 4.81 -26.52 -3.43
N ALA A 140 5.09 -25.37 -4.03
CA ALA A 140 4.02 -24.53 -4.59
C ALA A 140 4.21 -24.14 -6.05
N LEU A 141 5.35 -23.53 -6.38
CA LEU A 141 5.51 -22.98 -7.72
C LEU A 141 5.55 -24.06 -8.79
N LYS A 142 6.42 -25.04 -8.64
CA LYS A 142 6.49 -26.10 -9.63
C LYS A 142 5.14 -26.84 -9.79
N PRO A 143 4.47 -27.21 -8.67
CA PRO A 143 3.16 -27.83 -8.88
C PRO A 143 2.15 -26.96 -9.63
N ILE A 144 2.12 -25.67 -9.35
CA ILE A 144 1.23 -24.77 -10.07
C ILE A 144 1.57 -24.71 -11.56
N VAL A 145 2.83 -24.46 -11.86
CA VAL A 145 3.30 -24.31 -13.22
C VAL A 145 3.07 -25.60 -14.02
N ASN A 146 3.37 -26.73 -13.39
CA ASN A 146 3.15 -28.01 -14.04
C ASN A 146 1.67 -28.26 -14.35
N HIS A 147 0.80 -27.87 -13.41
CA HIS A 147 -0.62 -28.15 -13.56
C HIS A 147 -1.22 -27.44 -14.76
N VAL A 148 -0.72 -26.24 -15.08
CA VAL A 148 -1.22 -25.46 -16.20
C VAL A 148 -0.23 -25.40 -17.36
N LYS A 149 0.72 -26.32 -17.37
CA LYS A 149 1.79 -26.38 -18.38
CA LYS A 149 1.77 -26.25 -18.38
C LYS A 149 1.19 -26.29 -19.79
N GLY A 150 1.70 -25.38 -20.61
CA GLY A 150 1.29 -25.29 -21.99
C GLY A 150 -0.06 -24.64 -22.26
N HIS A 151 -0.75 -24.16 -21.23
CA HIS A 151 -2.11 -23.64 -21.43
C HIS A 151 -2.10 -22.49 -22.44
N VAL A 152 -2.95 -22.58 -23.45
CA VAL A 152 -2.94 -21.56 -24.50
C VAL A 152 -3.30 -20.15 -24.02
N ALA A 153 -3.99 -20.04 -22.90
CA ALA A 153 -4.38 -18.71 -22.38
C ALA A 153 -3.38 -18.13 -21.39
N LEU A 154 -2.30 -18.85 -21.11
CA LEU A 154 -1.24 -18.31 -20.28
C LEU A 154 -0.32 -17.45 -21.13
N GLY A 155 -0.31 -16.14 -20.88
CA GLY A 155 0.58 -15.24 -21.58
C GLY A 155 2.00 -15.28 -21.03
N GLY A 156 2.11 -15.27 -19.70
CA GLY A 156 3.41 -15.33 -19.07
C GLY A 156 3.28 -15.10 -17.59
N TRP A 157 4.32 -15.46 -16.86
CA TRP A 157 4.36 -15.33 -15.41
C TRP A 157 5.15 -14.08 -15.04
N ASP A 158 4.53 -13.19 -14.29
CA ASP A 158 5.20 -12.00 -13.75
C ASP A 158 5.62 -12.37 -12.32
N LEU A 159 6.92 -12.47 -12.08
CA LEU A 159 7.37 -12.93 -10.76
C LEU A 159 7.06 -11.97 -9.63
N MET A 160 7.11 -10.68 -9.91
CA MET A 160 6.98 -9.72 -8.82
C MET A 160 6.63 -8.34 -9.29
N ASN A 161 5.63 -7.78 -8.63
CA ASN A 161 5.31 -6.38 -8.81
C ASN A 161 6.23 -5.47 -8.02
N GLU A 162 6.97 -4.63 -8.76
CA GLU A 162 7.74 -3.52 -8.19
C GLU A 162 8.67 -3.89 -7.02
N PRO A 163 9.67 -4.74 -7.29
CA PRO A 163 10.66 -5.06 -6.25
C PRO A 163 11.25 -3.79 -5.61
N GLU A 164 11.31 -2.72 -6.41
CA GLU A 164 11.94 -1.49 -5.97
C GLU A 164 11.25 -0.81 -4.81
N GLY A 165 10.02 -1.18 -4.50
CA GLY A 165 9.34 -0.64 -3.33
C GLY A 165 10.10 -0.86 -2.05
N MET A 166 10.85 -1.97 -1.97
CA MET A 166 11.59 -2.29 -0.76
C MET A 166 13.08 -2.51 -0.97
N MET A 167 13.61 -2.10 -2.11
CA MET A 167 15.05 -2.17 -2.33
C MET A 167 15.76 -0.98 -1.67
N ILE A 168 16.92 -1.23 -1.09
CA ILE A 168 17.72 -0.16 -0.50
C ILE A 168 18.39 0.63 -1.63
N PRO A 169 18.06 1.92 -1.77
CA PRO A 169 18.67 2.75 -2.80
C PRO A 169 19.99 3.34 -2.30
N ASP A 170 20.80 3.85 -3.23
CA ASP A 170 22.06 4.52 -2.89
C ASP A 170 23.00 3.63 -2.09
N LYS A 171 23.08 2.35 -2.47
CA LYS A 171 23.97 1.41 -1.81
C LYS A 171 25.08 1.02 -2.77
N HIS A 172 26.30 1.32 -2.39
CA HIS A 172 27.45 0.87 -3.17
C HIS A 172 27.56 -0.64 -3.12
N ASN A 173 27.95 -1.22 -4.25
CA ASN A 173 28.44 -2.58 -4.26
C ASN A 173 29.52 -2.67 -5.32
N ALA A 174 30.58 -3.42 -5.03
CA ALA A 174 31.64 -3.66 -6.00
C ALA A 174 31.11 -4.27 -7.30
N GLU A 175 30.03 -5.03 -7.18
CA GLU A 175 29.40 -5.66 -8.33
C GLU A 175 28.29 -4.77 -8.86
N LYS A 176 28.42 -4.37 -10.12
CA LYS A 176 27.45 -3.48 -10.76
C LYS A 176 26.02 -4.00 -10.64
N CYS A 177 25.82 -5.30 -10.78
CA CYS A 177 24.47 -5.86 -10.67
C CYS A 177 23.79 -5.57 -9.35
N TYR A 178 24.57 -5.30 -8.30
CA TYR A 178 24.01 -5.11 -6.96
C TYR A 178 24.03 -3.65 -6.50
N ASP A 179 24.76 -2.80 -7.20
CA ASP A 179 24.95 -1.41 -6.79
C ASP A 179 23.70 -0.59 -7.10
N THR A 180 23.21 0.19 -6.13
CA THR A 180 22.01 0.98 -6.36
C THR A 180 22.27 2.48 -6.25
N THR A 181 23.53 2.89 -6.40
CA THR A 181 23.82 4.31 -6.36
C THR A 181 23.08 5.12 -7.45
N ALA A 182 22.86 4.52 -8.62
CA ALA A 182 22.13 5.24 -9.67
C ALA A 182 20.67 5.53 -9.27
N LEU A 183 20.16 4.75 -8.32
CA LEU A 183 18.79 4.92 -7.82
C LEU A 183 18.68 5.89 -6.65
N LYS A 184 19.77 6.55 -6.29
CA LYS A 184 19.71 7.55 -5.22
C LYS A 184 18.66 8.60 -5.55
N ASN A 185 17.78 8.86 -4.59
CA ASN A 185 16.75 9.87 -4.74
C ASN A 185 15.80 9.63 -5.92
N SER A 186 15.65 8.38 -6.31
CA SER A 186 14.70 8.02 -7.37
C SER A 186 13.29 7.81 -6.82
N GLY A 187 13.21 7.57 -5.53
CA GLY A 187 11.97 7.15 -4.92
C GLY A 187 11.94 5.67 -4.58
N ALA A 188 12.84 4.88 -5.18
CA ALA A 188 12.95 3.48 -4.81
C ALA A 188 13.11 3.35 -3.30
N GLY A 189 12.49 2.30 -2.74
CA GLY A 189 12.54 2.07 -1.31
C GLY A 189 11.43 2.72 -0.51
N TRP A 190 10.40 3.21 -1.20
CA TRP A 190 9.35 3.98 -0.54
C TRP A 190 8.63 3.22 0.55
N ALA A 191 8.50 1.91 0.39
CA ALA A 191 7.79 1.08 1.37
C ALA A 191 8.71 0.68 2.52
N GLY A 192 10.00 0.99 2.38
CA GLY A 192 10.99 0.67 3.38
C GLY A 192 12.25 0.13 2.73
N ASN A 193 13.38 0.76 3.03
CA ASN A 193 14.67 0.33 2.50
C ASN A 193 15.02 -0.99 3.18
N LYS A 194 14.76 -2.10 2.52
CA LYS A 194 14.80 -3.41 3.17
C LYS A 194 15.78 -4.41 2.55
N TYR A 195 15.83 -4.48 1.21
CA TYR A 195 16.54 -5.56 0.53
C TYR A 195 17.75 -5.14 -0.29
N LEU A 196 18.72 -6.05 -0.36
CA LEU A 196 19.88 -5.94 -1.24
C LEU A 196 19.65 -6.72 -2.52
N TYR A 197 20.30 -6.28 -3.60
CA TYR A 197 20.02 -6.86 -4.91
C TYR A 197 20.46 -8.30 -5.07
N GLN A 198 21.52 -8.73 -4.40
CA GLN A 198 21.89 -10.14 -4.58
C GLN A 198 20.74 -11.05 -4.14
N ASP A 199 20.08 -10.71 -3.04
CA ASP A 199 18.97 -11.51 -2.55
C ASP A 199 17.78 -11.48 -3.50
N ILE A 200 17.39 -10.29 -3.97
CA ILE A 200 16.23 -10.21 -4.86
CA ILE A 200 16.24 -10.19 -4.86
C ILE A 200 16.52 -10.86 -6.20
N LEU A 201 17.75 -10.74 -6.69
CA LEU A 201 18.08 -11.35 -7.97
C LEU A 201 18.12 -12.88 -7.88
N ARG A 202 18.58 -13.42 -6.75
CA ARG A 202 18.50 -14.86 -6.54
CA ARG A 202 18.50 -14.86 -6.55
C ARG A 202 17.04 -15.29 -6.53
N PHE A 203 16.22 -14.56 -5.79
CA PHE A 203 14.79 -14.83 -5.69
C PHE A 203 14.15 -14.90 -7.07
N LEU A 204 14.49 -13.94 -7.92
CA LEU A 204 13.95 -13.90 -9.27
C LEU A 204 14.55 -15.00 -10.17
N ASN A 205 15.86 -15.16 -10.13
CA ASN A 205 16.54 -16.17 -10.94
C ASN A 205 16.01 -17.57 -10.65
N TRP A 206 15.90 -17.91 -9.37
CA TRP A 206 15.48 -19.28 -9.04
C TRP A 206 14.05 -19.55 -9.48
N GLN A 207 13.17 -18.57 -9.32
CA GLN A 207 11.79 -18.79 -9.74
C GLN A 207 11.66 -18.86 -11.26
N ALA A 208 12.35 -17.97 -11.97
CA ALA A 208 12.30 -18.02 -13.42
C ALA A 208 12.82 -19.35 -13.96
N ASP A 209 13.90 -19.85 -13.37
CA ASP A 209 14.47 -21.11 -13.81
C ASP A 209 13.52 -22.27 -13.51
N ALA A 210 12.90 -22.25 -12.33
CA ALA A 210 11.95 -23.29 -11.98
C ALA A 210 10.78 -23.33 -12.96
N ILE A 211 10.27 -22.15 -13.32
CA ILE A 211 9.17 -22.08 -14.27
C ILE A 211 9.55 -22.68 -15.62
N LYS A 212 10.70 -22.28 -16.14
CA LYS A 212 11.11 -22.72 -17.47
C LYS A 212 11.78 -24.11 -17.52
N THR A 213 12.01 -24.71 -16.36
CA THR A 213 12.35 -26.13 -16.34
CA THR A 213 12.36 -26.13 -16.30
C THR A 213 11.07 -26.96 -16.35
N THR A 214 10.04 -26.47 -15.66
CA THR A 214 8.79 -27.19 -15.52
C THR A 214 7.89 -27.04 -16.74
N ASP A 215 7.82 -25.82 -17.27
CA ASP A 215 7.11 -25.53 -18.50
C ASP A 215 8.05 -24.73 -19.40
N PRO A 216 8.87 -25.45 -20.18
CA PRO A 216 9.93 -24.77 -20.94
C PRO A 216 9.42 -23.75 -21.95
N GLY A 217 8.17 -23.86 -22.38
CA GLY A 217 7.59 -22.90 -23.30
C GLY A 217 6.91 -21.70 -22.67
N ALA A 218 6.94 -21.60 -21.35
CA ALA A 218 6.36 -20.44 -20.66
C ALA A 218 7.29 -19.23 -20.74
N LEU A 219 6.69 -18.05 -20.73
CA LEU A 219 7.44 -16.80 -20.68
C LEU A 219 7.41 -16.22 -19.28
N VAL A 220 8.48 -15.51 -18.93
CA VAL A 220 8.62 -14.95 -17.60
C VAL A 220 9.03 -13.47 -17.69
N THR A 221 8.41 -12.66 -16.84
CA THR A 221 8.73 -11.24 -16.75
C THR A 221 8.69 -10.82 -15.27
N MET A 222 8.83 -9.51 -15.05
CA MET A 222 8.76 -8.90 -13.73
C MET A 222 8.47 -7.43 -13.99
N GLY A 223 7.57 -6.84 -13.20
CA GLY A 223 7.15 -5.46 -13.44
C GLY A 223 7.89 -4.43 -12.59
N VAL A 224 8.77 -3.67 -13.21
CA VAL A 224 9.51 -2.65 -12.47
C VAL A 224 8.65 -1.42 -12.25
N TRP A 225 8.90 -0.72 -11.14
CA TRP A 225 8.11 0.46 -10.82
C TRP A 225 8.34 1.62 -11.76
N ASN A 226 9.52 1.62 -12.39
CA ASN A 226 10.02 2.72 -13.18
C ASN A 226 11.23 2.12 -13.92
N PRO A 227 11.41 2.43 -15.21
CA PRO A 227 12.56 1.84 -15.91
C PRO A 227 13.93 2.27 -15.37
N LYS A 228 13.98 3.21 -14.43
CA LYS A 228 15.25 3.56 -13.79
C LYS A 228 16.03 2.37 -13.24
N SER A 229 15.36 1.29 -12.85
CA SER A 229 16.07 0.10 -12.36
C SER A 229 16.41 -0.92 -13.46
N ASN A 230 16.07 -0.60 -14.70
CA ASN A 230 15.97 -1.61 -15.76
C ASN A 230 16.61 -1.12 -17.08
N THR A 231 17.48 -0.12 -17.02
CA THR A 231 18.19 0.34 -18.21
C THR A 231 19.57 0.81 -17.81
N ASP A 232 20.54 0.58 -18.71
CA ASP A 232 21.89 1.13 -18.54
C ASP A 232 22.03 2.50 -19.20
N HIS A 233 20.97 2.97 -19.86
CA HIS A 233 20.95 4.33 -20.40
C HIS A 233 20.43 5.29 -19.33
N PHE A 234 20.35 6.57 -19.65
CA PHE A 234 19.78 7.57 -18.73
C PHE A 234 20.53 7.66 -17.41
N ASN A 235 21.82 7.36 -17.42
CA ASN A 235 22.65 7.38 -16.20
C ASN A 235 22.17 6.37 -15.16
N MET A 236 21.47 5.33 -15.61
CA MET A 236 20.93 4.30 -14.74
C MET A 236 21.70 2.98 -14.92
N ASN A 237 21.24 1.96 -14.22
CA ASN A 237 21.87 0.66 -14.19
C ASN A 237 20.78 -0.41 -14.32
N ASN A 238 20.90 -1.30 -15.30
CA ASN A 238 19.91 -2.35 -15.49
C ASN A 238 20.22 -3.55 -14.60
N HIS A 239 19.43 -3.72 -13.55
CA HIS A 239 19.63 -4.80 -12.61
C HIS A 239 19.15 -6.16 -13.07
N TYR A 240 18.39 -6.21 -14.15
CA TYR A 240 17.58 -7.39 -14.47
C TYR A 240 18.00 -8.11 -15.74
N SER A 241 19.21 -7.82 -16.20
CA SER A 241 19.79 -8.51 -17.33
C SER A 241 19.97 -10.00 -17.03
N ASP A 242 20.10 -10.78 -18.10
CA ASP A 242 20.38 -12.20 -17.97
C ASP A 242 21.63 -12.42 -17.12
N HIS A 243 22.66 -11.62 -17.39
CA HIS A 243 23.92 -11.73 -16.67
C HIS A 243 23.72 -11.55 -15.16
N CYS A 244 22.96 -10.54 -14.77
CA CYS A 244 22.78 -10.26 -13.34
C CYS A 244 21.99 -11.34 -12.62
N LEU A 245 20.94 -11.84 -13.25
CA LEU A 245 20.15 -12.89 -12.64
C LEU A 245 20.98 -14.17 -12.48
N ARG A 246 21.68 -14.56 -13.54
CA ARG A 246 22.52 -15.76 -13.49
C ARG A 246 23.67 -15.59 -12.49
N LEU A 247 24.22 -14.40 -12.40
CA LEU A 247 25.30 -14.16 -11.43
C LEU A 247 24.80 -14.41 -10.02
N ALA A 248 23.63 -13.85 -9.71
CA ALA A 248 23.12 -13.90 -8.34
C ALA A 248 22.64 -15.29 -7.93
N GLY A 249 22.02 -16.01 -8.86
CA GLY A 249 21.40 -17.29 -8.53
C GLY A 249 21.99 -18.53 -9.14
N GLY A 250 22.76 -18.37 -10.21
CA GLY A 250 23.45 -19.50 -10.83
C GLY A 250 22.63 -20.39 -11.75
N LYS A 251 21.35 -20.11 -11.93
CA LYS A 251 20.51 -21.02 -12.70
C LYS A 251 20.30 -20.48 -14.11
N GLN A 252 20.72 -21.28 -15.09
CA GLN A 252 20.91 -20.82 -16.46
C GLN A 252 19.65 -20.27 -17.13
N LYS A 253 18.51 -20.91 -16.88
CA LYS A 253 17.30 -20.46 -17.55
C LYS A 253 16.51 -19.44 -16.74
N GLY A 254 17.07 -18.97 -15.63
CA GLY A 254 16.39 -18.03 -14.77
C GLY A 254 16.55 -16.59 -15.21
N VAL A 255 16.05 -16.30 -16.42
CA VAL A 255 16.15 -14.98 -17.02
C VAL A 255 14.77 -14.56 -17.51
N PHE A 256 14.59 -13.27 -17.74
CA PHE A 256 13.33 -12.78 -18.26
C PHE A 256 13.27 -12.89 -19.77
N ASP A 257 12.10 -13.26 -20.27
CA ASP A 257 11.83 -13.27 -21.71
C ASP A 257 11.46 -11.89 -22.25
N PHE A 258 10.82 -11.08 -21.41
CA PHE A 258 10.47 -9.74 -21.79
C PHE A 258 10.48 -8.87 -20.56
N TYR A 259 10.72 -7.58 -20.77
CA TYR A 259 10.72 -6.61 -19.70
C TYR A 259 9.36 -5.92 -19.62
N GLN A 260 9.08 -5.35 -18.46
CA GLN A 260 7.80 -4.73 -18.17
C GLN A 260 8.03 -3.50 -17.32
N PHE A 261 7.76 -2.34 -17.91
CA PHE A 261 7.93 -1.05 -17.22
C PHE A 261 6.59 -0.55 -16.72
N HIS A 262 6.56 0.03 -15.52
CA HIS A 262 5.43 0.83 -15.09
C HIS A 262 5.79 2.30 -15.25
N SER A 263 4.82 3.14 -15.56
CA SER A 263 5.11 4.55 -15.74
C SER A 263 3.97 5.44 -15.30
N TYR A 264 4.27 6.30 -14.33
CA TYR A 264 3.33 7.26 -13.79
C TYR A 264 4.00 8.62 -13.68
N SER A 265 3.27 9.66 -14.02
CA SER A 265 3.75 11.01 -13.74
C SER A 265 3.67 11.29 -12.25
N TRP A 266 4.46 12.26 -11.79
CA TRP A 266 4.45 12.69 -10.40
C TRP A 266 4.11 14.17 -10.38
N GLN A 267 3.06 14.52 -9.63
CA GLN A 267 2.62 15.91 -9.56
C GLN A 267 2.41 16.49 -10.96
N GLY A 268 1.87 15.65 -11.83
CA GLY A 268 1.54 16.06 -13.18
C GLY A 268 2.66 16.00 -14.19
N LYS A 269 3.87 15.62 -13.77
CA LYS A 269 5.04 15.70 -14.64
C LYS A 269 5.70 14.34 -14.86
N TRP A 270 6.01 14.04 -16.11
CA TRP A 270 6.80 12.85 -16.43
C TRP A 270 8.24 13.06 -15.99
N ASP A 271 8.86 12.04 -15.41
CA ASP A 271 10.27 12.16 -15.05
C ASP A 271 11.18 12.03 -16.28
N GLU A 272 12.49 12.16 -16.07
CA GLU A 272 13.43 12.25 -17.18
C GLU A 272 13.63 10.94 -17.95
N VAL A 273 13.11 9.85 -17.39
CA VAL A 273 13.33 8.53 -17.96
C VAL A 273 12.00 7.92 -18.43
N ALA A 274 10.93 8.71 -18.37
CA ALA A 274 9.58 8.16 -18.55
C ALA A 274 9.35 7.52 -19.91
N PRO A 275 8.78 6.31 -19.92
CA PRO A 275 8.42 5.69 -21.20
C PRO A 275 7.49 6.56 -22.04
N PHE A 276 6.64 7.36 -21.39
CA PHE A 276 5.67 8.20 -22.09
C PHE A 276 6.24 9.46 -22.72
N THR A 277 7.55 9.68 -22.57
CA THR A 277 8.23 10.76 -23.28
C THR A 277 9.44 10.23 -24.05
N HIS A 278 9.53 8.92 -24.16
CA HIS A 278 10.61 8.25 -24.86
C HIS A 278 10.08 7.15 -25.78
N GLN A 279 10.99 6.40 -26.37
CA GLN A 279 10.58 5.28 -27.20
C GLN A 279 11.35 4.05 -26.75
N ALA A 280 10.84 2.87 -27.09
CA ALA A 280 11.42 1.64 -26.59
C ALA A 280 12.92 1.54 -26.85
N SER A 281 13.36 1.96 -28.03
CA SER A 281 14.76 1.83 -28.38
C SER A 281 15.68 2.70 -27.51
N ASP A 282 15.14 3.73 -26.86
CA ASP A 282 15.96 4.59 -26.01
C ASP A 282 16.56 3.84 -24.81
N TYR A 283 16.00 2.69 -24.46
CA TYR A 283 16.40 1.98 -23.25
C TYR A 283 17.57 1.03 -23.46
N GLY A 284 17.95 0.79 -24.71
CA GLY A 284 19.11 -0.02 -25.01
C GLY A 284 18.98 -1.49 -24.65
N LEU A 285 17.74 -1.98 -24.68
CA LEU A 285 17.44 -3.36 -24.31
C LEU A 285 17.24 -4.22 -25.54
N HIS A 286 17.17 -5.53 -25.32
CA HIS A 286 17.11 -6.51 -26.41
C HIS A 286 16.04 -7.56 -26.15
N LYS A 287 14.99 -7.15 -25.45
CA LYS A 287 13.78 -7.95 -25.27
C LYS A 287 12.60 -7.02 -25.53
N PRO A 288 11.42 -7.61 -25.84
CA PRO A 288 10.22 -6.77 -25.88
C PRO A 288 10.01 -6.05 -24.56
N ILE A 289 9.50 -4.82 -24.64
CA ILE A 289 9.21 -4.02 -23.45
C ILE A 289 7.72 -3.72 -23.42
N VAL A 290 7.03 -4.27 -22.42
CA VAL A 290 5.62 -3.96 -22.19
C VAL A 290 5.52 -2.80 -21.22
N VAL A 291 4.69 -1.80 -21.53
CA VAL A 291 4.35 -0.77 -20.56
C VAL A 291 3.15 -1.32 -19.78
N GLY A 292 3.45 -1.92 -18.63
CA GLY A 292 2.53 -2.79 -17.93
C GLY A 292 1.67 -2.17 -16.84
N GLU A 293 1.85 -0.88 -16.57
CA GLU A 293 0.92 -0.10 -15.73
C GLU A 293 1.01 1.35 -16.14
N PHE A 294 -0.15 2.01 -16.16
CA PHE A 294 -0.28 3.45 -16.33
C PHE A 294 -1.75 3.78 -16.17
N TRP A 295 -2.05 5.05 -15.89
CA TRP A 295 -3.43 5.52 -15.90
C TRP A 295 -3.51 7.01 -16.09
N GLU A 296 -4.69 7.51 -16.46
CA GLU A 296 -4.83 8.89 -16.86
C GLU A 296 -4.57 9.88 -15.72
N GLN A 297 -4.98 9.52 -14.50
CA GLN A 297 -4.82 10.47 -13.40
C GLN A 297 -3.35 10.81 -13.11
N ASP A 298 -2.44 9.93 -13.52
CA ASP A 298 -1.00 10.21 -13.46
C ASP A 298 -0.41 10.00 -14.85
N GLY A 299 -1.01 10.67 -15.83
CA GLY A 299 -0.63 10.54 -17.22
C GLY A 299 -0.05 11.81 -17.82
N GLY A 300 0.43 12.72 -16.97
CA GLY A 300 1.13 13.90 -17.43
C GLY A 300 0.33 14.83 -18.31
N GLY A 301 -0.99 14.72 -18.26
CA GLY A 301 -1.86 15.54 -19.09
C GLY A 301 -2.44 14.81 -20.29
N MET A 302 -1.96 13.60 -20.58
CA MET A 302 -2.51 12.80 -21.66
C MET A 302 -3.86 12.22 -21.28
N THR A 303 -4.75 12.05 -22.27
CA THR A 303 -5.94 11.25 -22.05
C THR A 303 -5.54 9.77 -22.10
N ILE A 304 -6.38 8.89 -21.55
CA ILE A 304 -6.05 7.47 -21.61
C ILE A 304 -5.94 6.97 -23.08
N THR A 305 -6.72 7.55 -23.99
CA THR A 305 -6.60 7.16 -25.39
C THR A 305 -5.25 7.58 -25.95
N GLN A 306 -4.81 8.80 -25.63
CA GLN A 306 -3.49 9.24 -26.03
C GLN A 306 -2.42 8.32 -25.48
N MET A 307 -2.62 7.83 -24.25
CA MET A 307 -1.63 6.97 -23.63
C MET A 307 -1.51 5.63 -24.35
N PHE A 308 -2.64 4.97 -24.61
CA PHE A 308 -2.60 3.70 -25.33
C PHE A 308 -1.98 3.87 -26.72
N ASN A 309 -2.35 4.94 -27.43
CA ASN A 309 -1.76 5.22 -28.74
C ASN A 309 -0.28 5.50 -28.63
N TYR A 310 0.12 6.24 -27.61
CA TYR A 310 1.53 6.57 -27.44
C TYR A 310 2.35 5.29 -27.32
N VAL A 311 1.91 4.38 -26.47
CA VAL A 311 2.66 3.14 -26.26
C VAL A 311 2.77 2.37 -27.58
N TYR A 312 1.64 2.25 -28.27
CA TYR A 312 1.61 1.51 -29.52
C TYR A 312 2.55 2.11 -30.56
N ASN A 313 2.60 3.44 -30.60
CA ASN A 313 3.34 4.18 -31.63
C ASN A 313 4.81 4.41 -31.33
N HIS A 314 5.28 3.97 -30.16
CA HIS A 314 6.67 4.22 -29.77
C HIS A 314 7.48 2.97 -29.51
N GLY A 315 7.17 1.90 -30.22
CA GLY A 315 8.04 0.74 -30.27
C GLY A 315 7.89 -0.25 -29.15
N TYR A 316 6.99 0.03 -28.21
CA TYR A 316 6.76 -0.87 -27.09
C TYR A 316 5.96 -2.08 -27.57
N ALA A 317 5.96 -3.12 -26.75
CA ALA A 317 5.40 -4.41 -27.13
C ALA A 317 3.99 -4.66 -26.56
N GLY A 318 3.57 -3.82 -25.63
CA GLY A 318 2.25 -3.96 -25.04
C GLY A 318 1.94 -2.80 -24.13
N ALA A 319 0.67 -2.68 -23.77
CA ALA A 319 0.15 -1.61 -22.93
C ALA A 319 -0.93 -2.19 -22.05
N TRP A 320 -0.70 -2.16 -20.73
CA TRP A 320 -1.67 -2.60 -19.75
C TRP A 320 -1.96 -1.46 -18.78
N SER A 321 -3.18 -0.91 -18.84
CA SER A 321 -3.55 0.16 -17.92
C SER A 321 -3.82 -0.38 -16.51
N TRP A 322 -3.83 0.51 -15.53
CA TRP A 322 -3.93 0.14 -14.13
C TRP A 322 -5.35 0.20 -13.53
N HIS A 323 -5.83 -0.94 -13.06
CA HIS A 323 -7.04 -1.09 -12.24
C HIS A 323 -8.32 -1.05 -13.05
N LEU A 324 -8.54 -2.09 -13.84
CA LEU A 324 -9.75 -2.17 -14.65
C LEU A 324 -11.00 -2.22 -13.81
N VAL A 325 -10.95 -2.86 -12.64
CA VAL A 325 -12.15 -2.94 -11.82
C VAL A 325 -12.68 -1.55 -11.47
N GLN A 326 -11.79 -0.63 -11.08
CA GLN A 326 -12.24 0.70 -10.74
C GLN A 326 -12.27 1.70 -11.89
N ARG A 327 -11.41 1.49 -12.89
CA ARG A 327 -11.17 2.52 -13.89
CA ARG A 327 -11.15 2.52 -13.88
C ARG A 327 -11.45 2.05 -15.31
N GLY A 328 -12.06 0.87 -15.43
CA GLY A 328 -12.33 0.30 -16.73
C GLY A 328 -13.24 1.12 -17.63
N ASP A 329 -14.19 1.87 -17.05
CA ASP A 329 -15.08 2.73 -17.83
C ASP A 329 -14.24 3.62 -18.74
N ASN A 330 -13.23 4.25 -18.16
CA ASN A 330 -12.38 5.14 -18.91
C ASN A 330 -11.37 4.37 -19.75
N GLN A 331 -10.73 3.39 -19.15
CA GLN A 331 -9.60 2.74 -19.79
C GLN A 331 -10.00 1.93 -21.02
N ARG A 332 -11.20 1.37 -21.00
CA ARG A 332 -11.71 0.63 -22.16
C ARG A 332 -11.79 1.48 -23.40
N LYS A 333 -11.95 2.80 -23.24
CA LYS A 333 -11.97 3.66 -24.42
C LYS A 333 -10.64 3.61 -25.16
N GLY A 334 -9.55 3.59 -24.40
CA GLY A 334 -8.24 3.53 -25.03
C GLY A 334 -7.96 2.18 -25.66
N ILE A 335 -8.33 1.12 -24.95
CA ILE A 335 -8.22 -0.24 -25.47
C ILE A 335 -9.00 -0.37 -26.79
N THR A 336 -10.23 0.13 -26.81
CA THR A 336 -11.05 0.08 -28.02
C THR A 336 -10.43 0.88 -29.15
N ASN A 337 -9.86 2.03 -28.84
CA ASN A 337 -9.36 2.90 -29.88
C ASN A 337 -8.22 2.28 -30.69
N ILE A 338 -7.38 1.49 -30.03
CA ILE A 338 -6.21 0.93 -30.71
C ILE A 338 -6.43 -0.47 -31.25
N LYS A 339 -7.62 -1.05 -31.04
CA LYS A 339 -7.79 -2.48 -31.26
C LYS A 339 -7.56 -2.94 -32.70
N ASP A 340 -7.73 -2.02 -33.65
CA ASP A 340 -7.61 -2.35 -35.06
C ASP A 340 -6.27 -1.93 -35.67
N LYS A 341 -5.33 -1.46 -34.84
CA LYS A 341 -4.02 -1.09 -35.35
C LYS A 341 -3.19 -2.33 -35.65
N THR A 342 -2.38 -2.26 -36.70
CA THR A 342 -1.64 -3.45 -37.11
C THR A 342 -0.14 -3.23 -37.35
N SER A 343 0.30 -1.97 -37.43
CA SER A 343 1.69 -1.69 -37.81
C SER A 343 2.74 -2.09 -36.77
N ASN A 344 2.34 -2.21 -35.51
CA ASN A 344 3.23 -2.66 -34.45
C ASN A 344 2.59 -3.86 -33.76
N GLY A 345 2.12 -4.80 -34.57
CA GLY A 345 1.48 -6.00 -34.09
C GLY A 345 -0.04 -5.93 -34.10
N LYS A 346 -0.65 -7.06 -34.40
CA LYS A 346 -2.11 -7.18 -34.40
C LYS A 346 -2.61 -7.47 -32.99
N ILE A 347 -3.80 -6.99 -32.67
CA ILE A 347 -4.35 -7.13 -31.34
C ILE A 347 -5.37 -8.28 -31.18
N PRO A 348 -6.37 -8.39 -32.09
CA PRO A 348 -7.32 -9.49 -31.90
C PRO A 348 -6.64 -10.85 -31.96
N ILE A 349 -7.05 -11.73 -31.05
CA ILE A 349 -6.50 -13.08 -31.00
C ILE A 349 -7.62 -14.10 -30.90
N SER A 350 -7.28 -15.34 -31.20
CA SER A 350 -8.21 -16.44 -31.11
CA SER A 350 -8.21 -16.45 -31.10
C SER A 350 -7.50 -17.60 -30.41
N LEU A 351 -8.03 -18.00 -29.26
CA LEU A 351 -7.44 -19.06 -28.47
C LEU A 351 -8.27 -20.33 -28.53
N ARG B 1 -6.41 10.98 32.99
CA ARG B 1 -6.25 10.62 31.59
C ARG B 1 -5.72 11.81 30.80
N LEU B 2 -5.24 11.56 29.59
CA LEU B 2 -4.71 12.63 28.76
C LEU B 2 -5.79 13.63 28.41
N HIS B 3 -5.47 14.91 28.52
CA HIS B 3 -6.43 15.94 28.16
C HIS B 3 -5.68 17.16 27.66
N ILE B 4 -6.43 18.19 27.29
CA ILE B 4 -5.85 19.41 26.75
C ILE B 4 -6.32 20.59 27.59
N GLN B 5 -5.36 21.35 28.12
CA GLN B 5 -5.65 22.53 28.90
C GLN B 5 -4.86 23.70 28.35
N ASN B 6 -5.52 24.84 28.16
CA ASN B 6 -4.88 26.03 27.61
C ASN B 6 -4.13 25.72 26.32
N GLY B 7 -4.69 24.82 25.52
CA GLY B 7 -4.12 24.51 24.21
C GLY B 7 -2.96 23.53 24.18
N HIS B 8 -2.67 22.87 25.31
CA HIS B 8 -1.54 21.96 25.42
CA HIS B 8 -1.59 21.90 25.31
C HIS B 8 -1.97 20.65 26.05
N PHE B 9 -1.32 19.54 25.67
CA PHE B 9 -1.55 18.28 26.35
C PHE B 9 -1.10 18.35 27.79
N VAL B 10 -1.95 17.81 28.67
CA VAL B 10 -1.66 17.68 30.08
C VAL B 10 -1.98 16.25 30.51
N LEU B 11 -1.08 15.68 31.32
CA LEU B 11 -1.35 14.38 31.95
C LEU B 11 -0.84 14.48 33.38
N ASN B 12 -1.70 14.12 34.33
CA ASN B 12 -1.29 14.08 35.72
C ASN B 12 -0.71 15.41 36.21
N GLY B 13 -1.41 16.48 35.85
CA GLY B 13 -1.10 17.80 36.36
C GLY B 13 0.14 18.46 35.75
N GLN B 14 0.65 17.90 34.65
CA GLN B 14 1.84 18.43 34.01
C GLN B 14 1.69 18.44 32.51
N ARG B 15 2.23 19.47 31.85
CA ARG B 15 2.31 19.48 30.40
CA ARG B 15 2.32 19.47 30.41
C ARG B 15 3.17 18.31 29.94
N VAL B 16 2.66 17.55 28.98
CA VAL B 16 3.33 16.36 28.48
C VAL B 16 3.60 16.48 26.98
N PHE B 17 4.77 16.03 26.55
CA PHE B 17 5.11 15.89 25.15
C PHE B 17 4.98 14.42 24.80
N LEU B 18 4.30 14.12 23.69
CA LEU B 18 4.05 12.74 23.28
C LEU B 18 5.21 12.24 22.41
N SER B 19 5.99 11.31 22.93
CA SER B 19 7.18 10.82 22.26
C SER B 19 7.10 9.33 22.07
N GLY B 20 7.23 8.85 20.84
CA GLY B 20 7.19 7.42 20.64
C GLY B 20 7.20 7.08 19.18
N GLY B 21 6.34 6.15 18.80
CA GLY B 21 6.31 5.69 17.44
C GLY B 21 5.07 4.95 17.04
N ASN B 22 5.01 4.65 15.75
CA ASN B 22 3.99 3.81 15.15
C ASN B 22 4.49 2.38 15.17
N LEU B 23 3.72 1.48 15.77
CA LEU B 23 4.06 0.06 15.82
C LEU B 23 4.52 -0.49 14.45
N PRO B 24 3.71 -0.32 13.38
CA PRO B 24 2.35 0.25 13.31
C PRO B 24 1.27 -0.82 13.38
N TRP B 25 1.71 -2.08 13.39
CA TRP B 25 0.87 -3.27 13.40
C TRP B 25 1.86 -4.42 13.63
N MET B 26 1.33 -5.60 13.90
CA MET B 26 2.16 -6.80 13.91
C MET B 26 1.86 -7.61 12.65
N SER B 27 0.61 -8.05 12.54
CA SER B 27 0.09 -8.62 11.30
C SER B 27 -0.89 -7.62 10.72
N TYR B 28 -0.46 -6.86 9.72
CA TYR B 28 -1.24 -5.77 9.11
C TYR B 28 -2.70 -6.17 8.87
N ALA B 29 -3.61 -5.50 9.59
CA ALA B 29 -5.07 -5.66 9.47
C ALA B 29 -5.62 -6.95 10.07
N TYR B 30 -4.75 -7.74 10.67
CA TYR B 30 -5.08 -9.06 11.21
C TYR B 30 -4.61 -9.17 12.67
N ASP B 31 -4.66 -8.04 13.38
CA ASP B 31 -4.15 -7.97 14.77
C ASP B 31 -5.23 -8.04 15.83
N PHE B 32 -6.45 -7.61 15.50
CA PHE B 32 -7.51 -7.46 16.49
C PHE B 32 -8.78 -8.15 16.05
N GLY B 33 -9.50 -8.73 17.03
CA GLY B 33 -10.75 -9.40 16.75
C GLY B 33 -10.53 -10.80 16.22
N ASP B 34 -11.58 -11.61 16.28
CA ASP B 34 -11.53 -12.98 15.78
C ASP B 34 -10.31 -13.76 16.29
N GLY B 35 -9.99 -13.57 17.58
CA GLY B 35 -8.92 -14.30 18.22
C GLY B 35 -7.52 -13.82 17.88
N GLN B 36 -7.42 -12.75 17.09
CA GLN B 36 -6.13 -12.38 16.52
C GLN B 36 -5.20 -11.68 17.52
N TRP B 37 -5.77 -10.96 18.47
CA TRP B 37 -4.95 -10.24 19.43
C TRP B 37 -4.16 -11.20 20.32
N GLN B 38 -4.83 -12.21 20.87
CA GLN B 38 -4.10 -13.15 21.72
C GLN B 38 -3.03 -13.91 20.93
N ARG B 39 -3.25 -14.11 19.64
CA ARG B 39 -2.24 -14.76 18.80
C ARG B 39 -1.02 -13.88 18.52
N ASN B 40 -1.24 -12.56 18.48
CA ASN B 40 -0.15 -11.62 18.18
C ASN B 40 0.45 -10.97 19.41
N LYS B 41 -0.17 -11.15 20.57
CA LYS B 41 0.23 -10.45 21.79
C LYS B 41 1.68 -10.72 22.20
N ASN B 42 2.13 -11.95 22.02
CA ASN B 42 3.49 -12.33 22.40
C ASN B 42 4.56 -11.58 21.62
N ARG B 43 4.18 -11.04 20.46
CA ARG B 43 5.09 -10.20 19.69
C ARG B 43 4.83 -8.71 19.89
N ILE B 44 3.59 -8.34 20.18
CA ILE B 44 3.27 -6.93 20.39
C ILE B 44 3.73 -6.45 21.76
N GLU B 45 3.51 -7.25 22.79
CA GLU B 45 3.90 -6.83 24.14
C GLU B 45 5.38 -6.44 24.26
N PRO B 46 6.31 -7.24 23.68
CA PRO B 46 7.71 -6.82 23.73
C PRO B 46 7.97 -5.46 23.06
N GLU B 47 7.15 -5.08 22.08
CA GLU B 47 7.33 -3.77 21.47
C GLU B 47 6.97 -2.65 22.45
N PHE B 48 5.94 -2.87 23.27
CA PHE B 48 5.63 -1.91 24.32
C PHE B 48 6.78 -1.80 25.33
N LYS B 49 7.33 -2.94 25.73
CA LYS B 49 8.44 -2.94 26.66
C LYS B 49 9.65 -2.20 26.09
N LYS B 50 10.04 -2.51 24.85
CA LYS B 50 11.17 -1.83 24.23
C LYS B 50 10.98 -0.33 24.12
N LEU B 51 9.77 0.07 23.76
CA LEU B 51 9.45 1.49 23.63
C LEU B 51 9.55 2.21 24.98
N HIS B 52 8.95 1.64 26.02
CA HIS B 52 9.06 2.18 27.36
C HIS B 52 10.51 2.25 27.84
N ASP B 53 11.25 1.18 27.63
CA ASP B 53 12.63 1.14 28.09
C ASP B 53 13.50 2.21 27.41
N ALA B 54 13.13 2.57 26.18
CA ALA B 54 13.83 3.63 25.47
C ALA B 54 13.39 5.03 25.89
N GLY B 55 12.36 5.13 26.72
CA GLY B 55 11.90 6.43 27.18
C GLY B 55 10.72 7.00 26.40
N GLY B 56 10.07 6.16 25.59
CA GLY B 56 8.87 6.59 24.91
C GLY B 56 7.67 6.54 25.82
N ASN B 57 6.65 7.35 25.48
CA ASN B 57 5.38 7.33 26.22
C ASN B 57 4.15 7.11 25.35
N SER B 58 4.32 6.87 24.05
CA SER B 58 3.15 6.75 23.21
CA SER B 58 3.21 6.91 23.08
C SER B 58 3.38 5.87 21.99
N MET B 59 2.32 5.15 21.64
CA MET B 59 2.35 4.22 20.52
C MET B 59 1.10 4.37 19.69
N ARG B 60 1.28 4.60 18.39
CA ARG B 60 0.18 4.56 17.42
C ARG B 60 0.18 3.20 16.76
N LEU B 61 -1.00 2.60 16.62
CA LEU B 61 -1.09 1.32 15.93
C LEU B 61 -2.44 1.21 15.26
N TRP B 62 -2.50 0.42 14.20
CA TRP B 62 -3.64 0.42 13.31
C TRP B 62 -4.56 -0.77 13.53
N ILE B 63 -5.86 -0.50 13.48
CA ILE B 63 -6.87 -1.46 13.89
C ILE B 63 -7.62 -2.07 12.68
N HIS B 64 -8.68 -1.41 12.19
CA HIS B 64 -9.47 -1.99 11.11
C HIS B 64 -8.76 -1.95 9.76
N ILE B 65 -8.10 -0.82 9.50
CA ILE B 65 -7.36 -0.57 8.26
C ILE B 65 -8.34 -0.40 7.10
N GLN B 66 -8.58 -1.45 6.31
CA GLN B 66 -9.62 -1.38 5.28
C GLN B 66 -10.66 -2.48 5.47
N GLY B 67 -10.86 -2.91 6.71
CA GLY B 67 -11.93 -3.84 7.03
C GLY B 67 -11.62 -5.28 6.68
N GLU B 68 -10.34 -5.61 6.59
CA GLU B 68 -9.93 -6.96 6.27
C GLU B 68 -10.49 -8.00 7.24
N THR B 69 -10.43 -7.69 8.53
CA THR B 69 -10.97 -8.60 9.55
C THR B 69 -11.88 -7.95 10.59
N THR B 70 -11.69 -6.66 10.89
CA THR B 70 -12.66 -5.93 11.72
C THR B 70 -12.96 -4.59 11.05
N PRO B 71 -14.16 -4.03 11.31
CA PRO B 71 -15.29 -4.70 11.95
C PRO B 71 -15.85 -5.78 11.02
N ALA B 72 -16.89 -6.47 11.47
CA ALA B 72 -17.53 -7.50 10.68
C ALA B 72 -18.59 -6.88 9.78
N PHE B 73 -18.57 -7.26 8.50
CA PHE B 73 -19.53 -6.75 7.52
C PHE B 73 -20.40 -7.89 7.00
N ASN B 74 -21.66 -7.60 6.71
CA ASN B 74 -22.46 -8.59 5.98
C ASN B 74 -22.17 -8.47 4.50
N ASP B 75 -22.81 -9.30 3.69
CA ASP B 75 -22.55 -9.33 2.25
CA ASP B 75 -22.56 -9.33 2.26
C ASP B 75 -22.98 -8.05 1.53
N GLN B 76 -23.78 -7.23 2.20
CA GLN B 76 -24.25 -5.99 1.59
CA GLN B 76 -24.26 -5.98 1.61
C GLN B 76 -23.41 -4.77 1.98
N GLY B 77 -22.44 -4.98 2.88
CA GLY B 77 -21.55 -3.90 3.27
C GLY B 77 -21.97 -3.18 4.53
N PHE B 78 -23.01 -3.68 5.20
CA PHE B 78 -23.39 -3.14 6.49
C PHE B 78 -22.61 -3.84 7.60
N VAL B 79 -22.30 -3.09 8.65
CA VAL B 79 -21.55 -3.65 9.76
C VAL B 79 -22.48 -4.38 10.72
N THR B 80 -22.09 -5.58 11.11
CA THR B 80 -22.90 -6.42 11.99
C THR B 80 -22.42 -6.44 13.44
N GLY B 81 -21.15 -6.07 13.65
CA GLY B 81 -20.56 -6.12 14.97
C GLY B 81 -19.08 -5.81 14.91
N PRO B 82 -18.42 -5.76 16.06
CA PRO B 82 -17.00 -5.41 16.10
C PRO B 82 -16.11 -6.49 15.47
N ASP B 83 -16.58 -7.73 15.50
CA ASP B 83 -15.94 -8.85 14.82
C ASP B 83 -16.97 -9.97 14.66
N LYS B 84 -16.51 -11.16 14.31
CA LYS B 84 -17.37 -12.32 14.16
C LYS B 84 -17.35 -13.24 15.39
N GLN B 85 -16.16 -13.43 15.96
CA GLN B 85 -15.95 -14.42 17.02
CA GLN B 85 -15.96 -14.42 17.01
C GLN B 85 -16.32 -13.92 18.41
N GLY B 86 -16.36 -12.60 18.60
CA GLY B 86 -16.65 -12.04 19.90
C GLY B 86 -15.43 -11.82 20.80
N THR B 87 -14.26 -11.59 20.21
CA THR B 87 -13.08 -11.26 21.02
C THR B 87 -12.70 -9.79 20.98
N MET B 88 -13.20 -9.05 19.99
CA MET B 88 -12.73 -7.68 19.74
C MET B 88 -12.79 -6.76 20.94
N LEU B 89 -13.90 -6.75 21.66
CA LEU B 89 -14.01 -5.87 22.82
C LEU B 89 -12.94 -6.22 23.87
N ASP B 90 -12.83 -7.52 24.18
CA ASP B 90 -11.81 -7.98 25.13
C ASP B 90 -10.40 -7.63 24.62
N ASP B 91 -10.21 -7.77 23.32
CA ASP B 91 -8.90 -7.51 22.71
C ASP B 91 -8.50 -6.05 22.91
N MET B 92 -9.43 -5.13 22.69
CA MET B 92 -9.12 -3.71 22.81
C MET B 92 -8.85 -3.34 24.26
N LYS B 93 -9.60 -3.91 25.18
CA LYS B 93 -9.32 -3.67 26.60
C LYS B 93 -7.96 -4.25 26.99
N ASP B 94 -7.66 -5.46 26.54
CA ASP B 94 -6.40 -6.09 26.89
C ASP B 94 -5.21 -5.34 26.29
N LEU B 95 -5.38 -4.80 25.09
CA LEU B 95 -4.36 -3.94 24.49
C LEU B 95 -4.01 -2.79 25.43
N LEU B 96 -5.04 -2.10 25.92
CA LEU B 96 -4.84 -0.96 26.78
C LEU B 96 -4.31 -1.36 28.15
N ASP B 97 -4.79 -2.47 28.69
CA ASP B 97 -4.27 -3.00 29.94
C ASP B 97 -2.78 -3.33 29.82
N THR B 98 -2.40 -3.86 28.67
CA THR B 98 -1.02 -4.22 28.42
C THR B 98 -0.15 -2.96 28.34
N ALA B 99 -0.61 -1.97 27.58
CA ALA B 99 0.10 -0.70 27.46
C ALA B 99 0.30 -0.03 28.82
N LYS B 100 -0.73 -0.09 29.66
CA LYS B 100 -0.68 0.54 30.97
C LYS B 100 0.51 0.00 31.78
N LYS B 101 0.79 -1.29 31.65
CA LYS B 101 1.89 -1.92 32.37
C LYS B 101 3.22 -1.25 32.04
N TYR B 102 3.33 -0.71 30.84
CA TYR B 102 4.57 -0.13 30.35
C TYR B 102 4.50 1.39 30.27
N ASN B 103 3.50 1.99 30.89
CA ASN B 103 3.38 3.45 30.88
C ASN B 103 3.39 4.02 29.46
N ILE B 104 2.62 3.38 28.59
CA ILE B 104 2.48 3.83 27.21
C ILE B 104 1.04 4.22 26.93
N LEU B 105 0.87 5.45 26.44
CA LEU B 105 -0.41 5.92 25.91
C LEU B 105 -0.60 5.39 24.50
N VAL B 106 -1.79 4.84 24.25
CA VAL B 106 -2.08 4.19 22.98
C VAL B 106 -2.98 5.06 22.11
N PHE B 107 -2.65 5.13 20.82
CA PHE B 107 -3.43 5.86 19.82
C PHE B 107 -3.84 4.91 18.72
N PRO B 108 -4.98 4.21 18.91
CA PRO B 108 -5.46 3.31 17.86
C PRO B 108 -5.93 4.11 16.66
N CYS B 109 -5.51 3.67 15.47
CA CYS B 109 -5.92 4.28 14.22
C CYS B 109 -6.90 3.35 13.52
N LEU B 110 -8.13 3.82 13.35
CA LEU B 110 -9.21 2.96 12.91
C LEU B 110 -9.09 2.52 11.46
N TRP B 111 -8.96 3.48 10.54
CA TRP B 111 -9.04 3.23 9.10
C TRP B 111 -7.79 3.71 8.36
N ASN B 112 -7.65 3.27 7.12
CA ASN B 112 -6.52 3.65 6.29
C ASN B 112 -6.96 3.95 4.87
N ALA B 113 -6.48 5.05 4.31
CA ALA B 113 -6.71 5.39 2.92
C ALA B 113 -5.41 5.58 2.12
N ALA B 114 -4.27 5.13 2.67
CA ALA B 114 -2.98 5.28 1.99
C ALA B 114 -2.70 4.22 0.92
N VAL B 115 -3.53 3.19 0.88
CA VAL B 115 -3.49 2.20 -0.19
C VAL B 115 -4.95 1.97 -0.63
N ASN B 116 -5.12 1.40 -1.82
N ASN B 116 -5.18 1.31 -1.75
CA ASN B 116 -6.44 1.17 -2.37
CA ASN B 116 -6.53 0.75 -1.96
C ASN B 116 -6.59 -0.31 -2.55
C ASN B 116 -6.55 -0.74 -2.22
N GLN B 117 -6.74 -0.97 -1.41
N GLN B 117 -7.00 -1.44 -1.19
CA GLN B 117 -6.88 -2.41 -1.36
CA GLN B 117 -7.07 -2.89 -1.18
C GLN B 117 -8.21 -2.67 -0.73
C GLN B 117 -8.41 -3.30 -0.62
N ASP B 118 -8.99 -1.61 -0.59
N ASP B 118 -9.21 -2.29 -0.30
CA ASP B 118 -10.31 -1.72 -0.04
CA ASP B 118 -10.57 -2.41 0.19
C ASP B 118 -11.13 -2.48 -1.05
C ASP B 118 -11.34 -3.56 -0.45
N SER B 119 -10.73 -3.73 -1.30
N SER B 119 -11.09 -4.78 0.05
CA SER B 119 -11.16 -4.48 -2.46
CA SER B 119 -11.80 -5.95 -0.44
C SER B 119 -12.60 -4.99 -2.35
C SER B 119 -13.29 -5.74 -0.23
N HIS B 120 -13.13 -5.06 -1.12
N HIS B 120 -14.02 -5.89 -1.34
CA HIS B 120 -14.52 -5.50 -0.88
CA HIS B 120 -15.45 -5.64 -1.38
C HIS B 120 -15.51 -4.34 -0.85
C HIS B 120 -15.86 -4.21 -1.08
N ASN B 121 -14.99 -3.18 -1.20
CA ASN B 121 -15.53 -1.84 -1.00
C ASN B 121 -16.18 -1.60 0.37
N ARG B 122 -15.63 -2.21 1.40
CA ARG B 122 -16.23 -2.08 2.71
CA ARG B 122 -16.15 -2.10 2.76
C ARG B 122 -15.99 -0.70 3.31
N LEU B 123 -14.76 -0.19 3.26
CA LEU B 123 -14.49 1.16 3.69
C LEU B 123 -15.21 2.15 2.77
N ASP B 124 -15.16 1.87 1.47
CA ASP B 124 -15.82 2.70 0.48
C ASP B 124 -17.31 2.96 0.81
N GLY B 125 -18.02 1.89 1.20
CA GLY B 125 -19.42 2.02 1.53
C GLY B 125 -19.67 2.90 2.75
N LEU B 126 -18.76 2.83 3.73
CA LEU B 126 -18.91 3.67 4.92
C LEU B 126 -18.72 5.15 4.61
N ILE B 127 -17.83 5.43 3.66
CA ILE B 127 -17.57 6.80 3.25
C ILE B 127 -18.71 7.37 2.41
N LYS B 128 -19.25 6.55 1.52
CA LYS B 128 -20.25 7.03 0.57
C LYS B 128 -21.71 6.91 1.03
N ASP B 129 -22.00 5.97 1.92
CA ASP B 129 -23.38 5.62 2.27
C ASP B 129 -23.62 5.85 3.76
N GLN B 130 -24.43 6.86 4.07
CA GLN B 130 -24.68 7.23 5.47
C GLN B 130 -25.30 6.11 6.29
N HIS B 131 -26.09 5.25 5.65
CA HIS B 131 -26.72 4.16 6.36
C HIS B 131 -25.72 3.07 6.75
N LYS B 132 -24.77 2.80 5.85
CA LYS B 132 -23.71 1.86 6.17
C LYS B 132 -22.85 2.42 7.30
N LEU B 133 -22.49 3.71 7.18
CA LEU B 133 -21.73 4.38 8.23
C LEU B 133 -22.44 4.27 9.58
N GLN B 134 -23.75 4.49 9.61
CA GLN B 134 -24.48 4.39 10.87
C GLN B 134 -24.36 2.98 11.47
N SER B 135 -24.39 1.95 10.63
CA SER B 135 -24.23 0.59 11.15
C SER B 135 -22.86 0.37 11.77
N TYR B 136 -21.81 0.97 11.20
CA TYR B 136 -20.50 0.87 11.82
C TYR B 136 -20.54 1.54 13.19
N ILE B 137 -21.11 2.73 13.24
CA ILE B 137 -21.17 3.48 14.49
C ILE B 137 -21.94 2.72 15.58
N ASP B 138 -23.11 2.21 15.23
CA ASP B 138 -23.95 1.54 16.22
C ASP B 138 -23.45 0.16 16.62
N LYS B 139 -23.00 -0.60 15.64
CA LYS B 139 -22.70 -2.02 15.88
C LYS B 139 -21.24 -2.30 16.25
N ALA B 140 -20.33 -1.37 15.95
CA ALA B 140 -18.92 -1.60 16.22
C ALA B 140 -18.26 -0.47 17.00
N LEU B 141 -18.34 0.76 16.49
CA LEU B 141 -17.58 1.85 17.11
C LEU B 141 -18.05 2.16 18.53
N LYS B 142 -19.34 2.39 18.70
CA LYS B 142 -19.84 2.66 20.04
C LYS B 142 -19.56 1.51 21.03
N PRO B 143 -19.80 0.24 20.62
CA PRO B 143 -19.46 -0.83 21.56
C PRO B 143 -17.98 -0.85 21.96
N ILE B 144 -17.07 -0.63 21.00
CA ILE B 144 -15.64 -0.60 21.31
C ILE B 144 -15.30 0.57 22.24
N VAL B 145 -15.75 1.76 21.88
CA VAL B 145 -15.42 2.95 22.63
C VAL B 145 -16.00 2.88 24.04
N ASN B 146 -17.21 2.37 24.15
CA ASN B 146 -17.85 2.19 25.45
C ASN B 146 -17.11 1.17 26.31
N HIS B 147 -16.65 0.09 25.68
CA HIS B 147 -16.02 -0.98 26.43
C HIS B 147 -14.73 -0.53 27.12
N VAL B 148 -14.00 0.39 26.48
CA VAL B 148 -12.76 0.89 27.04
C VAL B 148 -12.86 2.33 27.56
N LYS B 149 -14.10 2.79 27.74
CA LYS B 149 -14.38 4.15 28.18
C LYS B 149 -13.54 4.54 29.39
N GLY B 150 -12.83 5.66 29.28
CA GLY B 150 -12.06 6.20 30.39
C GLY B 150 -10.73 5.55 30.66
N HIS B 151 -10.31 4.57 29.85
CA HIS B 151 -9.09 3.83 30.15
C HIS B 151 -7.88 4.77 30.24
N VAL B 152 -7.10 4.65 31.31
CA VAL B 152 -5.99 5.58 31.52
C VAL B 152 -4.88 5.47 30.47
N ALA B 153 -4.79 4.34 29.78
CA ALA B 153 -3.76 4.17 28.77
C ALA B 153 -4.25 4.50 27.36
N LEU B 154 -5.50 4.93 27.22
CA LEU B 154 -5.97 5.42 25.93
C LEU B 154 -5.50 6.87 25.78
N GLY B 155 -4.63 7.10 24.79
CA GLY B 155 -4.20 8.44 24.47
C GLY B 155 -5.22 9.18 23.61
N GLY B 156 -5.75 8.49 22.60
CA GLY B 156 -6.72 9.11 21.71
C GLY B 156 -7.01 8.19 20.54
N TRP B 157 -8.15 8.43 19.92
CA TRP B 157 -8.58 7.68 18.74
C TRP B 157 -8.20 8.46 17.50
N ASP B 158 -7.45 7.81 16.60
CA ASP B 158 -7.12 8.38 15.29
C ASP B 158 -8.09 7.77 14.29
N LEU B 159 -8.99 8.58 13.75
CA LEU B 159 -10.05 8.03 12.92
C LEU B 159 -9.55 7.44 11.61
N MET B 160 -8.50 8.02 11.04
CA MET B 160 -8.10 7.59 9.71
C MET B 160 -6.70 8.01 9.38
N ASN B 161 -5.94 7.05 8.86
CA ASN B 161 -4.65 7.33 8.28
C ASN B 161 -4.77 7.84 6.85
N GLU B 162 -4.32 9.08 6.66
CA GLU B 162 -4.08 9.66 5.33
C GLU B 162 -5.28 9.57 4.37
N PRO B 163 -6.40 10.22 4.73
CA PRO B 163 -7.54 10.28 3.80
C PRO B 163 -7.12 10.77 2.41
N GLU B 164 -6.11 11.61 2.36
CA GLU B 164 -5.67 12.22 1.11
C GLU B 164 -5.19 11.22 0.07
N GLY B 165 -4.89 10.00 0.49
CA GLY B 165 -4.53 8.97 -0.46
C GLY B 165 -5.58 8.74 -1.52
N MET B 166 -6.84 8.98 -1.18
CA MET B 166 -7.94 8.70 -2.10
C MET B 166 -8.86 9.90 -2.36
N MET B 167 -8.43 11.09 -1.95
CA MET B 167 -9.20 12.29 -2.24
C MET B 167 -8.90 12.80 -3.65
N ILE B 168 -9.95 13.24 -4.36
CA ILE B 168 -9.77 13.83 -5.67
C ILE B 168 -9.17 15.22 -5.53
N PRO B 169 -7.97 15.43 -6.10
CA PRO B 169 -7.33 16.74 -6.03
C PRO B 169 -7.80 17.65 -7.15
N ASP B 170 -7.53 18.94 -7.02
CA ASP B 170 -7.84 19.93 -8.04
C ASP B 170 -9.31 19.94 -8.43
N LYS B 171 -10.17 19.77 -7.45
CA LYS B 171 -11.60 19.82 -7.69
C LYS B 171 -12.16 21.11 -7.12
N HIS B 172 -12.69 21.96 -7.98
CA HIS B 172 -13.34 23.15 -7.49
C HIS B 172 -14.61 22.75 -6.78
N ASN B 173 -14.92 23.47 -5.71
CA ASN B 173 -16.24 23.38 -5.12
C ASN B 173 -16.60 24.76 -4.62
N ALA B 174 -17.87 25.11 -4.73
CA ALA B 174 -18.31 26.42 -4.22
C ALA B 174 -18.07 26.59 -2.72
N GLU B 175 -17.99 25.48 -2.00
CA GLU B 175 -17.74 25.50 -0.56
C GLU B 175 -16.26 25.24 -0.28
N LYS B 176 -15.60 26.17 0.41
CA LYS B 176 -14.18 26.07 0.70
C LYS B 176 -13.80 24.74 1.33
N CYS B 177 -14.62 24.24 2.26
CA CYS B 177 -14.33 22.98 2.94
C CYS B 177 -14.20 21.82 1.98
N TYR B 178 -14.80 21.93 0.80
CA TYR B 178 -14.84 20.82 -0.15
C TYR B 178 -13.92 21.02 -1.34
N ASP B 179 -13.37 22.22 -1.50
CA ASP B 179 -12.55 22.58 -2.65
C ASP B 179 -11.14 22.04 -2.47
N THR B 180 -10.63 21.36 -3.49
CA THR B 180 -9.27 20.81 -3.41
C THR B 180 -8.30 21.39 -4.43
N THR B 181 -8.62 22.58 -4.93
CA THR B 181 -7.72 23.22 -5.88
C THR B 181 -6.34 23.51 -5.27
N ALA B 182 -6.28 23.80 -3.97
CA ALA B 182 -4.98 24.07 -3.35
C ALA B 182 -4.09 22.83 -3.37
N LEU B 183 -4.71 21.67 -3.47
CA LEU B 183 -4.00 20.39 -3.50
C LEU B 183 -3.63 19.92 -4.90
N LYS B 184 -3.87 20.76 -5.92
CA LYS B 184 -3.46 20.42 -7.28
C LYS B 184 -1.98 20.08 -7.34
N ASN B 185 -1.67 18.93 -7.93
CA ASN B 185 -0.30 18.48 -8.09
C ASN B 185 0.48 18.41 -6.78
N SER B 186 -0.22 18.13 -5.69
CA SER B 186 0.41 17.95 -4.39
C SER B 186 0.90 16.52 -4.21
N GLY B 187 0.28 15.60 -4.95
CA GLY B 187 0.49 14.18 -4.73
C GLY B 187 -0.72 13.51 -4.12
N ALA B 188 -1.64 14.28 -3.52
CA ALA B 188 -2.88 13.72 -3.01
C ALA B 188 -3.58 12.94 -4.11
N GLY B 189 -4.22 11.84 -3.73
CA GLY B 189 -4.93 10.98 -4.65
C GLY B 189 -4.12 9.82 -5.20
N TRP B 190 -2.94 9.58 -4.63
CA TRP B 190 -2.01 8.58 -5.18
C TRP B 190 -2.60 7.18 -5.25
N ALA B 191 -3.49 6.85 -4.31
CA ALA B 191 -4.08 5.52 -4.28
C ALA B 191 -5.39 5.50 -5.06
C ALA B 191 -5.24 5.42 -5.27
N GLY B 192 -5.65 6.57 -5.82
CA GLY B 192 -6.82 6.64 -6.67
C GLY B 192 -7.69 7.83 -6.31
N ASN B 193 -7.98 8.67 -7.31
CA ASN B 193 -8.85 9.83 -7.11
C ASN B 193 -10.27 9.33 -6.95
N LYS B 194 -10.74 9.18 -5.72
CA LYS B 194 -12.03 8.54 -5.45
C LYS B 194 -13.06 9.44 -4.79
N TYR B 195 -12.64 10.17 -3.77
CA TYR B 195 -13.61 10.77 -2.86
C TYR B 195 -13.68 12.29 -2.90
N LEU B 196 -14.88 12.78 -2.65
CA LEU B 196 -15.14 14.20 -2.46
C LEU B 196 -15.17 14.51 -0.96
N TYR B 197 -14.80 15.74 -0.62
CA TYR B 197 -14.62 16.08 0.78
C TYR B 197 -15.89 16.06 1.61
N GLN B 198 -17.06 16.34 1.04
CA GLN B 198 -18.22 16.29 1.91
CA GLN B 198 -18.27 16.29 1.84
C GLN B 198 -18.44 14.89 2.44
N ASP B 199 -18.19 13.86 1.63
CA ASP B 199 -18.34 12.50 2.09
C ASP B 199 -17.33 12.14 3.18
N ILE B 200 -16.06 12.47 2.95
CA ILE B 200 -15.03 12.14 3.93
CA ILE B 200 -15.03 12.12 3.95
C ILE B 200 -15.23 12.91 5.24
N LEU B 201 -15.66 14.17 5.12
CA LEU B 201 -15.88 14.97 6.31
C LEU B 201 -17.09 14.51 7.11
N ARG B 202 -18.14 14.02 6.45
CA ARG B 202 -19.24 13.39 7.16
C ARG B 202 -18.74 12.15 7.90
N PHE B 203 -18.00 11.31 7.20
CA PHE B 203 -17.41 10.09 7.74
C PHE B 203 -16.64 10.39 9.03
N LEU B 204 -15.81 11.44 8.98
CA LEU B 204 -15.02 11.83 10.14
C LEU B 204 -15.88 12.46 11.23
N ASN B 205 -16.76 13.38 10.85
CA ASN B 205 -17.63 14.07 11.82
C ASN B 205 -18.49 13.10 12.61
N TRP B 206 -19.13 12.15 11.93
CA TRP B 206 -20.03 11.25 12.62
C TRP B 206 -19.29 10.32 13.57
N GLN B 207 -18.11 9.85 13.16
CA GLN B 207 -17.33 9.00 14.04
C GLN B 207 -16.79 9.77 15.24
N ALA B 208 -16.27 10.97 15.01
CA ALA B 208 -15.80 11.79 16.11
C ALA B 208 -16.91 12.07 17.12
N ASP B 209 -18.10 12.38 16.61
CA ASP B 209 -19.24 12.66 17.47
C ASP B 209 -19.63 11.44 18.30
N ALA B 210 -19.66 10.27 17.66
CA ALA B 210 -19.98 9.03 18.35
C ALA B 210 -18.99 8.78 19.48
N ILE B 211 -17.72 9.01 19.22
CA ILE B 211 -16.72 8.82 20.26
C ILE B 211 -16.94 9.77 21.42
N LYS B 212 -17.13 11.05 21.12
CA LYS B 212 -17.28 12.10 22.12
CA LYS B 212 -17.23 11.98 22.22
C LYS B 212 -18.58 12.02 22.93
N THR B 213 -19.61 11.36 22.38
CA THR B 213 -20.81 11.17 23.19
C THR B 213 -20.73 9.88 24.02
N THR B 214 -19.97 8.90 23.55
CA THR B 214 -19.84 7.62 24.23
C THR B 214 -18.78 7.69 25.34
N ASP B 215 -17.65 8.34 25.04
CA ASP B 215 -16.59 8.59 26.02
C ASP B 215 -16.17 10.04 25.88
N PRO B 216 -16.89 10.94 26.55
CA PRO B 216 -16.66 12.38 26.38
C PRO B 216 -15.23 12.83 26.65
N GLY B 217 -14.51 12.14 27.53
CA GLY B 217 -13.14 12.53 27.83
C GLY B 217 -12.09 11.94 26.90
N ALA B 218 -12.49 11.10 25.94
CA ALA B 218 -11.56 10.57 24.96
C ALA B 218 -11.20 11.64 23.93
N LEU B 219 -9.95 11.65 23.51
CA LEU B 219 -9.50 12.59 22.49
C LEU B 219 -9.58 11.95 21.10
N VAL B 220 -9.81 12.79 20.10
CA VAL B 220 -9.95 12.33 18.70
C VAL B 220 -9.01 13.12 17.79
N THR B 221 -8.34 12.41 16.89
CA THR B 221 -7.48 13.02 15.89
C THR B 221 -7.64 12.26 14.57
N MET B 222 -6.80 12.62 13.60
CA MET B 222 -6.79 12.00 12.29
C MET B 222 -5.43 12.38 11.70
N GLY B 223 -4.75 11.41 11.09
CA GLY B 223 -3.41 11.64 10.58
C GLY B 223 -3.34 12.03 9.11
N VAL B 224 -3.01 13.29 8.84
CA VAL B 224 -2.92 13.73 7.45
C VAL B 224 -1.59 13.34 6.83
N TRP B 225 -1.59 13.10 5.52
CA TRP B 225 -0.37 12.64 4.85
C TRP B 225 0.70 13.73 4.78
N ASN B 226 0.25 14.98 4.86
CA ASN B 226 1.08 16.16 4.65
C ASN B 226 0.21 17.32 5.13
N PRO B 227 0.79 18.28 5.87
CA PRO B 227 -0.04 19.39 6.36
C PRO B 227 -0.67 20.25 5.25
N LYS B 228 -0.32 20.03 3.99
CA LYS B 228 -0.98 20.75 2.91
C LYS B 228 -2.51 20.65 2.93
N SER B 229 -3.07 19.59 3.48
CA SER B 229 -4.54 19.46 3.60
C SER B 229 -5.13 20.00 4.91
N ASN B 230 -4.26 20.53 5.77
CA ASN B 230 -4.59 20.71 7.19
C ASN B 230 -4.12 22.07 7.71
N THR B 231 -3.83 23.01 6.80
CA THR B 231 -3.49 24.38 7.20
C THR B 231 -4.05 25.34 6.18
N ASP B 232 -4.52 26.48 6.64
CA ASP B 232 -4.92 27.57 5.76
C ASP B 232 -3.75 28.46 5.38
N HIS B 233 -2.60 28.28 6.02
CA HIS B 233 -1.41 29.02 5.64
C HIS B 233 -0.75 28.37 4.41
N PHE B 234 0.32 29.01 3.93
CA PHE B 234 1.10 28.46 2.83
C PHE B 234 0.26 28.32 1.55
N ASN B 235 -0.75 29.17 1.40
CA ASN B 235 -1.64 29.11 0.24
C ASN B 235 -2.42 27.78 0.14
N MET B 236 -2.60 27.12 1.27
CA MET B 236 -3.30 25.84 1.34
C MET B 236 -4.69 26.04 1.95
N ASN B 237 -5.35 24.96 2.31
CA ASN B 237 -6.74 24.99 2.77
C ASN B 237 -6.89 23.91 3.83
N ASN B 238 -7.26 24.30 5.06
CA ASN B 238 -7.45 23.33 6.13
C ASN B 238 -8.84 22.72 6.04
N HIS B 239 -8.90 21.48 5.58
CA HIS B 239 -10.16 20.77 5.42
C HIS B 239 -10.77 20.24 6.70
N TYR B 240 -10.01 20.25 7.79
CA TYR B 240 -10.38 19.47 8.97
C TYR B 240 -10.69 20.33 10.19
N SER B 241 -11.00 21.60 9.94
CA SER B 241 -11.45 22.49 10.99
C SER B 241 -12.77 22.02 11.60
N ASP B 242 -13.05 22.51 12.80
CA ASP B 242 -14.33 22.25 13.45
C ASP B 242 -15.47 22.63 12.51
N HIS B 243 -15.35 23.79 11.88
CA HIS B 243 -16.38 24.29 10.98
C HIS B 243 -16.65 23.32 9.82
N CYS B 244 -15.60 22.81 9.20
CA CYS B 244 -15.78 21.94 8.05
C CYS B 244 -16.40 20.59 8.42
N LEU B 245 -15.97 20.02 9.54
CA LEU B 245 -16.56 18.75 9.98
C LEU B 245 -18.05 18.93 10.30
N ARG B 246 -18.36 19.98 11.05
CA ARG B 246 -19.76 20.25 11.41
C ARG B 246 -20.61 20.57 10.19
N LEU B 247 -20.03 21.27 9.22
CA LEU B 247 -20.79 21.60 8.01
C LEU B 247 -21.17 20.35 7.26
N ALA B 248 -20.22 19.44 7.12
CA ALA B 248 -20.43 18.25 6.31
C ALA B 248 -21.35 17.24 6.96
N GLY B 249 -21.20 17.05 8.27
CA GLY B 249 -21.94 16.00 8.95
C GLY B 249 -23.00 16.47 9.94
N GLY B 250 -22.91 17.72 10.38
CA GLY B 250 -23.92 18.29 11.24
C GLY B 250 -23.79 18.06 12.74
N LYS B 251 -22.93 17.13 13.15
CA LYS B 251 -22.92 16.73 14.56
C LYS B 251 -21.93 17.56 15.36
N GLN B 252 -22.45 18.29 16.34
CA GLN B 252 -21.69 19.37 16.97
C GLN B 252 -20.41 18.91 17.66
N LYS B 253 -20.44 17.74 18.28
CA LYS B 253 -19.26 17.26 18.99
C LYS B 253 -18.23 16.56 18.09
N GLY B 254 -18.54 16.42 16.80
CA GLY B 254 -17.67 15.66 15.91
C GLY B 254 -16.53 16.46 15.33
N VAL B 255 -15.63 16.91 16.20
CA VAL B 255 -14.48 17.70 15.80
C VAL B 255 -13.23 17.10 16.42
N PHE B 256 -12.07 17.45 15.90
CA PHE B 256 -10.83 16.93 16.44
C PHE B 256 -10.36 17.69 17.67
N ASP B 257 -9.75 16.97 18.60
CA ASP B 257 -9.12 17.58 19.75
C ASP B 257 -7.70 18.04 19.46
N PHE B 258 -7.01 17.30 18.58
CA PHE B 258 -5.67 17.68 18.19
C PHE B 258 -5.42 17.24 16.76
N TYR B 259 -4.49 17.93 16.11
CA TYR B 259 -4.13 17.61 14.75
C TYR B 259 -2.86 16.75 14.71
N GLN B 260 -2.69 16.05 13.60
CA GLN B 260 -1.60 15.11 13.45
C GLN B 260 -1.10 15.18 12.03
N PHE B 261 0.13 15.68 11.87
CA PHE B 261 0.77 15.78 10.56
C PHE B 261 1.73 14.60 10.35
N HIS B 262 1.78 14.08 9.12
CA HIS B 262 2.89 13.21 8.72
C HIS B 262 3.83 14.03 7.86
N SER B 263 5.12 13.73 7.94
CA SER B 263 6.08 14.47 7.13
C SER B 263 7.24 13.61 6.65
N TYR B 264 7.37 13.53 5.34
CA TYR B 264 8.42 12.77 4.68
C TYR B 264 9.03 13.62 3.58
N SER B 265 10.36 13.58 3.47
CA SER B 265 11.00 14.20 2.32
C SER B 265 10.71 13.38 1.06
N TRP B 266 10.81 14.04 -0.09
CA TRP B 266 10.64 13.37 -1.37
CA TRP B 266 10.61 13.44 -1.40
C TRP B 266 11.93 13.53 -2.15
N GLN B 267 12.49 12.39 -2.54
CA GLN B 267 13.76 12.36 -3.26
C GLN B 267 14.82 13.18 -2.53
N GLY B 268 14.78 13.08 -1.21
CA GLY B 268 15.76 13.69 -0.35
C GLY B 268 15.48 15.12 0.06
N LYS B 269 14.37 15.69 -0.40
CA LYS B 269 14.08 17.11 -0.19
C LYS B 269 12.76 17.33 0.53
N TRP B 270 12.78 18.23 1.50
CA TRP B 270 11.56 18.68 2.16
C TRP B 270 10.78 19.61 1.24
N ASP B 271 9.46 19.45 1.22
CA ASP B 271 8.63 20.36 0.44
C ASP B 271 8.46 21.71 1.14
N GLU B 272 7.73 22.62 0.50
CA GLU B 272 7.67 24.00 0.97
C GLU B 272 6.83 24.19 2.23
N VAL B 273 6.11 23.15 2.64
CA VAL B 273 5.21 23.24 3.79
C VAL B 273 5.68 22.30 4.91
N ALA B 274 6.85 21.69 4.75
CA ALA B 274 7.25 20.59 5.63
C ALA B 274 7.41 20.99 7.09
N PRO B 275 6.83 20.19 7.99
CA PRO B 275 7.03 20.50 9.42
C PRO B 275 8.51 20.52 9.81
N PHE B 276 9.35 19.74 9.14
CA PHE B 276 10.76 19.65 9.47
C PHE B 276 11.61 20.83 8.99
N THR B 277 10.99 21.81 8.33
CA THR B 277 11.67 23.06 8.01
C THR B 277 10.86 24.26 8.52
N HIS B 278 9.88 23.98 9.37
CA HIS B 278 9.01 25.01 9.93
C HIS B 278 8.84 24.80 11.42
N GLN B 279 7.95 25.59 12.03
CA GLN B 279 7.64 25.42 13.44
CA GLN B 279 7.63 25.41 13.43
C GLN B 279 6.11 25.42 13.59
N ALA B 280 5.64 24.91 14.73
CA ALA B 280 4.21 24.74 14.91
C ALA B 280 3.40 26.01 14.64
N SER B 281 3.90 27.15 15.09
CA SER B 281 3.18 28.40 14.95
C SER B 281 2.95 28.80 13.49
N ASP B 282 3.75 28.28 12.56
CA ASP B 282 3.61 28.63 11.15
C ASP B 282 2.31 28.15 10.53
N TYR B 283 1.64 27.21 11.18
CA TYR B 283 0.45 26.56 10.60
C TYR B 283 -0.85 27.27 10.92
N GLY B 284 -0.82 28.22 11.86
CA GLY B 284 -2.00 29.01 12.18
C GLY B 284 -3.15 28.23 12.78
N LEU B 285 -2.82 27.13 13.47
CA LEU B 285 -3.83 26.28 14.06
C LEU B 285 -3.97 26.57 15.56
N HIS B 286 -5.02 26.03 16.16
CA HIS B 286 -5.36 26.32 17.55
C HIS B 286 -5.65 25.05 18.33
N LYS B 287 -4.97 23.97 17.93
CA LYS B 287 -4.96 22.71 18.65
C LYS B 287 -3.52 22.23 18.68
N PRO B 288 -3.18 21.35 19.64
CA PRO B 288 -1.85 20.74 19.57
C PRO B 288 -1.63 20.04 18.22
N ILE B 289 -0.39 20.07 17.74
CA ILE B 289 -0.01 19.43 16.48
C ILE B 289 1.04 18.37 16.77
N VAL B 290 0.66 17.11 16.60
CA VAL B 290 1.61 16.00 16.71
C VAL B 290 2.21 15.72 15.33
N VAL B 291 3.53 15.57 15.26
CA VAL B 291 4.15 15.08 14.04
C VAL B 291 4.17 13.56 14.19
N GLY B 292 3.15 12.95 13.60
CA GLY B 292 2.78 11.58 13.90
C GLY B 292 3.35 10.49 13.02
N GLU B 293 4.12 10.84 11.99
CA GLU B 293 4.93 9.89 11.24
C GLU B 293 6.10 10.62 10.64
N PHE B 294 7.26 9.96 10.68
CA PHE B 294 8.48 10.40 10.00
C PHE B 294 9.51 9.28 10.19
N TRP B 295 10.54 9.27 9.34
CA TRP B 295 11.68 8.38 9.55
C TRP B 295 12.90 8.89 8.80
N GLU B 296 14.06 8.36 9.19
CA GLU B 296 15.33 8.87 8.69
C GLU B 296 15.49 8.66 7.18
N GLN B 297 14.99 7.54 6.66
CA GLN B 297 15.23 7.28 5.24
C GLN B 297 14.57 8.32 4.34
N ASP B 298 13.55 9.00 4.86
CA ASP B 298 12.93 10.15 4.17
C ASP B 298 12.93 11.37 5.09
N GLY B 299 14.12 11.65 5.60
CA GLY B 299 14.33 12.71 6.58
C GLY B 299 15.15 13.87 6.06
N GLY B 300 15.26 14.01 4.74
CA GLY B 300 15.89 15.17 4.16
C GLY B 300 17.36 15.36 4.52
N GLY B 301 18.01 14.28 4.95
CA GLY B 301 19.39 14.35 5.40
C GLY B 301 19.59 14.39 6.90
N MET B 302 18.52 14.57 7.67
CA MET B 302 18.63 14.55 9.13
C MET B 302 18.80 13.12 9.65
N THR B 303 19.52 12.97 10.76
CA THR B 303 19.51 11.69 11.46
C THR B 303 18.20 11.58 12.24
N ILE B 304 17.83 10.37 12.64
CA ILE B 304 16.60 10.22 13.42
C ILE B 304 16.68 10.99 14.74
N THR B 305 17.87 11.10 15.33
CA THR B 305 18.01 11.87 16.55
C THR B 305 17.76 13.35 16.28
N GLN B 306 18.32 13.85 15.17
CA GLN B 306 18.03 15.23 14.79
C GLN B 306 16.55 15.46 14.55
N MET B 307 15.87 14.45 14.00
CA MET B 307 14.44 14.59 13.73
C MET B 307 13.61 14.70 15.02
N PHE B 308 13.85 13.80 15.97
CA PHE B 308 13.13 13.88 17.24
C PHE B 308 13.41 15.19 17.97
N ASN B 309 14.68 15.60 18.00
CA ASN B 309 15.01 16.89 18.60
C ASN B 309 14.35 18.05 17.86
N TYR B 310 14.33 17.97 16.53
CA TYR B 310 13.71 19.04 15.75
C TYR B 310 12.25 19.21 16.15
N VAL B 311 11.50 18.12 16.19
CA VAL B 311 10.08 18.22 16.51
C VAL B 311 9.91 18.85 17.90
N TYR B 312 10.68 18.35 18.86
CA TYR B 312 10.58 18.82 20.24
C TYR B 312 10.88 20.32 20.33
N ASN B 313 11.89 20.75 19.60
CA ASN B 313 12.42 22.11 19.71
C ASN B 313 11.64 23.14 18.90
N HIS B 314 10.67 22.68 18.11
CA HIS B 314 9.95 23.58 17.21
C HIS B 314 8.45 23.70 17.51
N GLY B 315 8.09 23.47 18.76
CA GLY B 315 6.77 23.84 19.25
C GLY B 315 5.67 22.82 19.00
N TYR B 316 6.00 21.71 18.35
CA TYR B 316 5.02 20.66 18.12
C TYR B 316 4.72 19.93 19.43
N ALA B 317 3.61 19.19 19.42
CA ALA B 317 3.10 18.59 20.64
C ALA B 317 3.53 17.14 20.85
N GLY B 318 4.06 16.52 19.81
CA GLY B 318 4.50 15.14 19.90
C GLY B 318 5.25 14.72 18.65
N ALA B 319 5.93 13.58 18.75
CA ALA B 319 6.75 13.03 17.70
C ALA B 319 6.61 11.51 17.72
N TRP B 320 6.05 10.94 16.65
CA TRP B 320 5.93 9.50 16.52
C TRP B 320 6.62 9.06 15.23
N SER B 321 7.73 8.32 15.35
CA SER B 321 8.42 7.83 14.18
C SER B 321 7.69 6.63 13.55
N TRP B 322 8.05 6.30 12.31
CA TRP B 322 7.32 5.31 11.53
C TRP B 322 7.94 3.91 11.54
N HIS B 323 7.18 2.94 12.05
CA HIS B 323 7.46 1.50 11.95
C HIS B 323 8.50 1.01 12.96
N LEU B 324 8.12 1.00 14.23
CA LEU B 324 9.01 0.53 15.27
C LEU B 324 9.38 -0.93 15.08
N VAL B 325 8.46 -1.75 14.60
CA VAL B 325 8.77 -3.18 14.45
C VAL B 325 9.99 -3.38 13.55
N GLN B 326 10.06 -2.68 12.43
CA GLN B 326 11.18 -2.86 11.52
C GLN B 326 12.35 -1.91 11.77
N ARG B 327 12.07 -0.74 12.35
CA ARG B 327 13.04 0.35 12.38
C ARG B 327 13.35 0.84 13.79
N GLY B 328 12.88 0.12 14.80
CA GLY B 328 13.05 0.52 16.18
C GLY B 328 14.48 0.58 16.67
N ASP B 329 15.36 -0.24 16.13
CA ASP B 329 16.78 -0.21 16.50
C ASP B 329 17.32 1.21 16.37
N ASN B 330 17.04 1.82 15.22
CA ASN B 330 17.48 3.17 14.96
C ASN B 330 16.61 4.20 15.66
N GLN B 331 15.29 4.03 15.57
CA GLN B 331 14.39 5.08 16.03
C GLN B 331 14.44 5.25 17.56
N ARG B 332 14.67 4.16 18.28
CA ARG B 332 14.81 4.24 19.74
C ARG B 332 15.94 5.18 20.16
N LYS B 333 16.96 5.35 19.32
CA LYS B 333 18.03 6.29 19.65
C LYS B 333 17.49 7.70 19.81
N GLY B 334 16.60 8.09 18.91
CA GLY B 334 16.03 9.43 18.97
C GLY B 334 15.10 9.59 20.15
N ILE B 335 14.27 8.58 20.38
CA ILE B 335 13.36 8.56 21.51
C ILE B 335 14.14 8.71 22.82
N THR B 336 15.21 7.95 22.97
CA THR B 336 16.03 8.02 24.17
C THR B 336 16.69 9.39 24.32
N ASN B 337 17.13 9.95 23.20
CA ASN B 337 17.87 11.20 23.26
C ASN B 337 17.06 12.37 23.82
N ILE B 338 15.76 12.40 23.52
CA ILE B 338 14.93 13.52 23.95
C ILE B 338 14.18 13.29 25.26
N LYS B 339 14.33 12.11 25.86
CA LYS B 339 13.42 11.72 26.94
C LYS B 339 13.44 12.63 28.18
N ASP B 340 14.56 13.30 28.43
CA ASP B 340 14.71 14.15 29.60
C ASP B 340 14.54 15.64 29.30
N LYS B 341 14.11 15.99 28.10
CA LYS B 341 13.88 17.39 27.75
C LYS B 341 12.60 17.91 28.41
N THR B 342 12.59 19.18 28.77
CA THR B 342 11.47 19.74 29.52
C THR B 342 10.93 21.10 29.04
N SER B 343 11.57 21.75 28.07
CA SER B 343 11.14 23.08 27.64
CA SER B 343 11.13 23.08 27.63
C SER B 343 9.80 23.08 26.89
N ASN B 344 9.39 21.91 26.40
CA ASN B 344 8.17 21.78 25.61
C ASN B 344 7.40 20.54 26.05
N GLY B 345 7.22 20.41 27.36
CA GLY B 345 6.51 19.29 27.94
C GLY B 345 7.42 18.19 28.46
N LYS B 346 6.99 17.55 29.53
CA LYS B 346 7.71 16.45 30.13
C LYS B 346 7.31 15.15 29.44
N ILE B 347 8.27 14.24 29.27
CA ILE B 347 8.02 12.99 28.58
C ILE B 347 7.67 11.80 29.51
N PRO B 348 8.44 11.57 30.58
CA PRO B 348 8.09 10.40 31.41
C PRO B 348 6.69 10.54 32.02
N ILE B 349 5.94 9.45 31.99
CA ILE B 349 4.60 9.40 32.56
C ILE B 349 4.42 8.20 33.47
N SER B 350 3.41 8.29 34.31
CA SER B 350 3.04 7.20 35.21
CA SER B 350 3.05 7.19 35.20
C SER B 350 1.56 6.93 35.08
N LEU B 351 1.23 5.73 34.63
CA LEU B 351 -0.16 5.32 34.45
C LEU B 351 -0.56 4.28 35.49
#